data_7LHV
#
_entry.id   7LHV
#
_cell.length_a   1.00
_cell.length_b   1.00
_cell.length_c   1.00
_cell.angle_alpha   90.00
_cell.angle_beta   90.00
_cell.angle_gamma   90.00
#
_symmetry.space_group_name_H-M   'P 1'
#
loop_
_entity.id
_entity.type
_entity.pdbx_description
1 polymer 'Sulfate transporter 4.1, chloroplastic'
2 non-polymer '(2S,3R,4E)-2-amino-3-hydroxyoctadec-4-en-1-yl dihydrogen phosphate'
3 non-polymer 'SULFATE ION'
4 non-polymer 1-palmitoyl-2-oleoyl-sn-glycero-3-phosphocholine
5 water water
#
_entity_poly.entity_id   1
_entity_poly.type   'polypeptide(L)'
_entity_poly.pdbx_seq_one_letter_code
;MSYASLSVKDLTSLVSRSGTGSSSSLKPPGQTRPVKVIPLQHPDTSNEARPPSIPFDDIFSGWTAKIKRMRLVDWIDTLF
PCFRWIRTYRWSEYFKLDLMAGITVGIMLVPQAMSYAKLAGLPPIYGLYSSFVPVFVYAIFGSSRQLAIGPVALVSLLVS
NALGGIADTNEELHIELAILLALLVGILECIMGLLRLGWLIRFISHSVISGFTSASAIVIGLSQIKYFLGYSIARSSKIV
PIVESIIAGADKFQWPPFVMGSLILVILQVMKHVGKAKKELQFLRAAAPLTGIVLGTTIAKVFHPPSISLVGEIPQGLPT
FSFPRSFDHAKTLLPTSALITGVAILESVGIAKALAAKNRYELDSNSELFGLGVANILGSLFSAYPATGSFSRSAVNNES
EAKTGLSGLITGIIIGCSLLFLTPMFKYIPQCALAAIVISAVSGLVDYDEAIFLWRVDKRDFSLWTITSTITLFFGIEIG
VLVGVGFSLAFVIHESANPHIAVLGRLPGTTVYRNIKQYPEAYTYNGIVIVRIDSPIYFANISYIKDRLREYEVAVDKYT
NRGLEVDRINFVILEMSPVTHIDSSAVEALKELYQEYKTRDIQLAISNPNKDVHLTIARSGMVELVGKEWFFVRVHDAVQ
VCLQYVQSSNLEDKHLSFTRRYGGSNNNSSSSNALLKEPLLSVEK
;
_entity_poly.pdbx_strand_id   A,B
#
loop_
_chem_comp.id
_chem_comp.type
_chem_comp.name
_chem_comp.formula
LBN non-polymer 1-palmitoyl-2-oleoyl-sn-glycero-3-phosphocholine 'C42 H82 N O8 P'
S1P non-polymer '(2S,3R,4E)-2-amino-3-hydroxyoctadec-4-en-1-yl dihydrogen phosphate' 'C18 H38 N O5 P'
SO4 non-polymer 'SULFATE ION' 'O4 S -2'
#
# COMPACT_ATOMS: atom_id res chain seq x y z
N MET A 70 17.53 -22.95 31.23
CA MET A 70 16.73 -21.76 31.50
C MET A 70 16.32 -21.70 32.97
N ARG A 71 16.90 -20.73 33.68
CA ARG A 71 16.60 -20.56 35.09
C ARG A 71 15.23 -19.90 35.29
N LEU A 72 14.72 -20.04 36.51
CA LEU A 72 13.40 -19.50 36.83
C LEU A 72 13.38 -17.98 36.77
N VAL A 73 14.49 -17.33 37.16
CA VAL A 73 14.52 -15.86 37.19
C VAL A 73 14.33 -15.27 35.80
N ASP A 74 14.83 -15.96 34.77
CA ASP A 74 14.66 -15.48 33.40
C ASP A 74 13.37 -15.99 32.76
N TRP A 75 13.02 -17.26 33.01
CA TRP A 75 11.81 -17.83 32.42
C TRP A 75 10.56 -17.11 32.93
N ILE A 76 10.50 -16.84 34.24
CA ILE A 76 9.34 -16.18 34.82
C ILE A 76 9.20 -14.76 34.25
N ASP A 77 10.30 -14.03 34.16
CA ASP A 77 10.26 -12.69 33.59
C ASP A 77 9.87 -12.72 32.12
N THR A 78 10.31 -13.75 31.39
CA THR A 78 9.95 -13.85 29.98
C THR A 78 8.46 -14.12 29.80
N LEU A 79 7.90 -15.03 30.59
CA LEU A 79 6.49 -15.38 30.40
C LEU A 79 5.55 -14.39 31.08
N PHE A 80 5.97 -13.80 32.21
CA PHE A 80 5.10 -12.93 33.01
C PHE A 80 5.74 -11.55 33.11
N PRO A 81 5.39 -10.63 32.21
CA PRO A 81 5.96 -9.27 32.29
C PRO A 81 5.55 -8.51 33.55
N CYS A 82 4.50 -8.95 34.25
CA CYS A 82 4.05 -8.25 35.44
C CYS A 82 5.17 -8.15 36.48
N PHE A 83 5.99 -9.20 36.58
CA PHE A 83 7.08 -9.19 37.56
C PHE A 83 8.06 -8.05 37.31
N ARG A 84 8.07 -7.48 36.11
CA ARG A 84 8.92 -6.33 35.85
C ARG A 84 8.65 -5.19 36.84
N TRP A 85 7.41 -5.07 37.33
CA TRP A 85 7.13 -4.10 38.37
C TRP A 85 6.94 -4.75 39.74
N ILE A 86 6.91 -6.08 39.83
CA ILE A 86 6.79 -6.71 41.14
C ILE A 86 8.11 -6.63 41.90
N ARG A 87 9.23 -6.90 41.22
CA ARG A 87 10.53 -6.87 41.89
C ARG A 87 10.87 -5.46 42.37
N THR A 88 10.68 -4.46 41.51
CA THR A 88 10.96 -3.08 41.86
C THR A 88 9.67 -2.41 42.33
N TYR A 89 9.26 -2.76 43.55
CA TYR A 89 8.00 -2.32 44.11
C TYR A 89 8.28 -1.66 45.46
N ARG A 90 8.10 -0.35 45.54
CA ARG A 90 8.29 0.41 46.78
C ARG A 90 6.94 0.45 47.48
N TRP A 91 6.77 -0.40 48.50
CA TRP A 91 5.46 -0.67 49.07
C TRP A 91 4.78 0.60 49.57
N SER A 92 5.52 1.44 50.30
CA SER A 92 4.92 2.50 51.09
C SER A 92 4.07 3.44 50.25
N GLU A 93 4.62 3.97 49.17
CA GLU A 93 3.87 4.91 48.34
C GLU A 93 3.15 4.22 47.19
N TYR A 94 3.77 3.19 46.61
CA TYR A 94 3.17 2.54 45.46
C TYR A 94 1.86 1.87 45.83
N PHE A 95 1.77 1.25 47.02
CA PHE A 95 0.53 0.57 47.39
C PHE A 95 -0.61 1.56 47.50
N LYS A 96 -0.40 2.67 48.21
CA LYS A 96 -1.49 3.63 48.39
C LYS A 96 -1.89 4.25 47.05
N LEU A 97 -0.90 4.60 46.22
CA LEU A 97 -1.22 5.19 44.93
C LEU A 97 -1.97 4.20 44.03
N ASP A 98 -1.53 2.94 44.01
CA ASP A 98 -2.19 1.94 43.19
C ASP A 98 -3.61 1.66 43.68
N LEU A 99 -3.80 1.60 45.00
CA LEU A 99 -5.12 1.35 45.54
C LEU A 99 -6.08 2.49 45.18
N MET A 100 -5.63 3.73 45.35
CA MET A 100 -6.47 4.87 45.02
C MET A 100 -6.79 4.89 43.53
N ALA A 101 -5.78 4.65 42.67
CA ALA A 101 -6.00 4.67 41.24
C ALA A 101 -6.95 3.55 40.82
N GLY A 102 -6.80 2.36 41.40
CA GLY A 102 -7.68 1.26 41.06
C GLY A 102 -9.11 1.52 41.47
N ILE A 103 -9.32 2.04 42.68
CA ILE A 103 -10.68 2.37 43.12
C ILE A 103 -11.30 3.42 42.20
N THR A 104 -10.53 4.45 41.87
CA THR A 104 -11.02 5.52 41.01
C THR A 104 -11.40 4.98 39.64
N VAL A 105 -10.53 4.15 39.04
CA VAL A 105 -10.80 3.63 37.71
C VAL A 105 -11.99 2.68 37.73
N GLY A 106 -12.11 1.84 38.77
CA GLY A 106 -13.26 0.96 38.84
C GLY A 106 -14.57 1.70 38.98
N ILE A 107 -14.58 2.76 39.80
CA ILE A 107 -15.78 3.58 39.94
C ILE A 107 -16.14 4.23 38.62
N MET A 108 -15.14 4.75 37.90
CA MET A 108 -15.42 5.33 36.58
C MET A 108 -15.83 4.27 35.58
N LEU A 109 -15.41 3.02 35.78
CA LEU A 109 -15.54 2.00 34.75
C LEU A 109 -16.87 1.27 34.78
N VAL A 110 -17.38 0.95 35.98
CA VAL A 110 -18.58 0.13 36.08
C VAL A 110 -19.74 0.74 35.28
N PRO A 111 -20.14 1.99 35.53
CA PRO A 111 -21.20 2.58 34.70
C PRO A 111 -20.82 2.70 33.24
N GLN A 112 -19.56 3.04 32.96
CA GLN A 112 -19.11 3.13 31.58
C GLN A 112 -19.14 1.76 30.91
N ALA A 113 -18.79 0.71 31.65
CA ALA A 113 -18.85 -0.64 31.09
C ALA A 113 -20.27 -1.02 30.71
N MET A 114 -21.23 -0.76 31.61
CA MET A 114 -22.61 -1.08 31.28
C MET A 114 -23.12 -0.24 30.10
N SER A 115 -22.76 1.04 30.08
CA SER A 115 -23.20 1.92 29.00
C SER A 115 -22.64 1.47 27.65
N TYR A 116 -21.36 1.10 27.61
CA TYR A 116 -20.77 0.62 26.36
C TYR A 116 -21.33 -0.71 25.94
N ALA A 117 -21.64 -1.60 26.89
CA ALA A 117 -22.31 -2.85 26.53
C ALA A 117 -23.67 -2.57 25.92
N LYS A 118 -24.41 -1.62 26.46
CA LYS A 118 -25.67 -1.23 25.86
C LYS A 118 -25.47 -0.66 24.46
N LEU A 119 -24.39 0.10 24.25
CA LEU A 119 -24.10 0.66 22.94
C LEU A 119 -23.84 -0.43 21.91
N ALA A 120 -23.14 -1.50 22.31
CA ALA A 120 -22.81 -2.57 21.38
C ALA A 120 -24.00 -3.44 21.01
N GLY A 121 -25.14 -3.26 21.66
CA GLY A 121 -26.30 -4.10 21.44
C GLY A 121 -26.43 -5.27 22.37
N LEU A 122 -25.41 -5.57 23.16
CA LEU A 122 -25.48 -6.63 24.15
C LEU A 122 -26.19 -6.13 25.41
N PRO A 123 -26.72 -7.05 26.22
CA PRO A 123 -27.25 -6.64 27.52
C PRO A 123 -26.15 -6.05 28.39
N PRO A 124 -26.51 -5.15 29.31
CA PRO A 124 -25.47 -4.41 30.04
C PRO A 124 -24.49 -5.27 30.80
N ILE A 125 -24.92 -6.42 31.32
CA ILE A 125 -24.04 -7.23 32.17
C ILE A 125 -22.78 -7.64 31.41
N TYR A 126 -22.89 -7.85 30.09
CA TYR A 126 -21.74 -8.30 29.32
C TYR A 126 -20.65 -7.24 29.23
N GLY A 127 -20.94 -6.00 29.60
CA GLY A 127 -19.87 -5.04 29.79
C GLY A 127 -19.00 -5.37 30.99
N LEU A 128 -19.64 -5.71 32.12
CA LEU A 128 -18.89 -6.02 33.32
C LEU A 128 -18.00 -7.23 33.12
N TYR A 129 -18.53 -8.27 32.46
CA TYR A 129 -17.69 -9.41 32.09
C TYR A 129 -16.48 -8.95 31.30
N SER A 130 -16.70 -8.05 30.33
CA SER A 130 -15.61 -7.54 29.51
C SER A 130 -14.61 -6.72 30.30
N SER A 131 -14.93 -6.35 31.53
CA SER A 131 -13.98 -5.68 32.41
C SER A 131 -13.44 -6.59 33.50
N PHE A 132 -14.01 -7.78 33.68
CA PHE A 132 -13.61 -8.62 34.81
C PHE A 132 -12.38 -9.46 34.50
N VAL A 133 -12.52 -10.41 33.57
CA VAL A 133 -11.49 -11.42 33.35
C VAL A 133 -10.31 -10.87 32.57
N PRO A 134 -10.51 -10.15 31.44
CA PRO A 134 -9.33 -9.64 30.73
C PRO A 134 -8.44 -8.75 31.58
N VAL A 135 -9.03 -7.93 32.46
CA VAL A 135 -8.21 -7.04 33.29
C VAL A 135 -7.24 -7.84 34.14
N PHE A 136 -7.76 -8.83 34.88
CA PHE A 136 -6.87 -9.71 35.64
C PHE A 136 -5.82 -10.36 34.74
N VAL A 137 -6.20 -10.70 33.51
CA VAL A 137 -5.23 -11.27 32.59
C VAL A 137 -4.22 -10.20 32.17
N TYR A 138 -4.71 -9.00 31.83
CA TYR A 138 -3.80 -7.98 31.33
C TYR A 138 -2.76 -7.60 32.37
N ALA A 139 -3.19 -7.45 33.62
CA ALA A 139 -2.26 -7.09 34.69
C ALA A 139 -1.16 -8.13 34.85
N ILE A 140 -1.38 -9.35 34.37
CA ILE A 140 -0.32 -10.36 34.40
C ILE A 140 0.48 -10.35 33.10
N PHE A 141 -0.14 -10.05 31.96
CA PHE A 141 0.51 -10.19 30.67
C PHE A 141 0.68 -8.86 29.94
N GLY A 142 0.38 -7.75 30.57
CA GLY A 142 0.48 -6.44 29.94
C GLY A 142 1.77 -5.73 30.29
N SER A 143 2.34 -5.03 29.30
CA SER A 143 3.57 -4.29 29.51
C SER A 143 3.33 -2.91 30.10
N SER A 144 2.22 -2.27 29.77
CA SER A 144 1.94 -0.94 30.29
C SER A 144 1.54 -1.01 31.76
N ARG A 145 1.94 0.01 32.52
CA ARG A 145 1.62 0.08 33.94
C ARG A 145 0.51 1.06 34.26
N GLN A 146 0.08 1.88 33.30
CA GLN A 146 -1.03 2.80 33.52
C GLN A 146 -2.21 2.57 32.58
N LEU A 147 -2.08 1.70 31.58
CA LEU A 147 -3.17 1.48 30.64
C LEU A 147 -4.34 0.77 31.31
N ALA A 148 -5.55 1.22 31.01
CA ALA A 148 -6.77 0.63 31.54
C ALA A 148 -7.47 -0.14 30.44
N ILE A 149 -7.79 -1.40 30.71
CA ILE A 149 -8.32 -2.32 29.72
C ILE A 149 -9.80 -2.55 29.99
N GLY A 150 -10.62 -2.46 28.95
CA GLY A 150 -12.04 -2.66 29.08
C GLY A 150 -12.78 -2.21 27.84
N PRO A 151 -14.11 -2.13 27.93
CA PRO A 151 -14.89 -1.62 26.81
C PRO A 151 -14.53 -0.18 26.47
N VAL A 152 -14.53 0.13 25.19
CA VAL A 152 -14.33 1.49 24.70
C VAL A 152 -15.43 1.80 23.70
N ALA A 153 -15.60 3.10 23.43
CA ALA A 153 -16.70 3.52 22.55
C ALA A 153 -16.51 3.01 21.13
N LEU A 154 -15.29 3.10 20.59
CA LEU A 154 -15.08 2.76 19.19
C LEU A 154 -15.21 1.27 18.94
N VAL A 155 -14.59 0.45 19.81
CA VAL A 155 -14.68 -0.99 19.62
C VAL A 155 -16.10 -1.47 19.83
N SER A 156 -16.82 -0.87 20.78
CA SER A 156 -18.23 -1.21 20.96
C SER A 156 -19.04 -0.85 19.73
N LEU A 157 -18.77 0.30 19.13
CA LEU A 157 -19.45 0.67 17.90
C LEU A 157 -19.18 -0.31 16.76
N LEU A 158 -17.91 -0.73 16.62
CA LEU A 158 -17.57 -1.67 15.56
C LEU A 158 -18.23 -3.03 15.80
N VAL A 159 -18.24 -3.48 17.05
CA VAL A 159 -18.91 -4.74 17.40
C VAL A 159 -20.39 -4.66 17.07
N SER A 160 -21.03 -3.55 17.45
CA SER A 160 -22.43 -3.37 17.12
C SER A 160 -22.66 -3.37 15.62
N ASN A 161 -21.77 -2.73 14.87
CA ASN A 161 -21.89 -2.69 13.41
C ASN A 161 -21.85 -4.09 12.83
N ALA A 162 -20.87 -4.89 13.24
CA ALA A 162 -20.74 -6.25 12.72
C ALA A 162 -21.95 -7.10 13.11
N LEU A 163 -22.35 -7.06 14.38
CA LEU A 163 -23.45 -7.90 14.83
C LEU A 163 -24.75 -7.54 14.11
N GLY A 164 -25.04 -6.24 14.00
CA GLY A 164 -26.23 -5.83 13.27
C GLY A 164 -26.18 -6.19 11.81
N GLY A 165 -24.99 -6.16 11.21
CA GLY A 165 -24.85 -6.66 9.85
C GLY A 165 -25.07 -8.15 9.73
N ILE A 166 -24.89 -8.89 10.83
CA ILE A 166 -25.12 -10.33 10.79
C ILE A 166 -26.47 -10.69 11.41
N ALA A 167 -26.66 -10.37 12.68
CA ALA A 167 -27.86 -10.76 13.42
C ALA A 167 -28.73 -9.54 13.67
N ASP A 168 -30.05 -9.71 13.54
CA ASP A 168 -30.97 -8.59 13.63
C ASP A 168 -31.54 -8.42 15.04
N THR A 169 -32.27 -9.43 15.54
CA THR A 169 -32.94 -9.31 16.83
C THR A 169 -32.87 -10.61 17.63
N ASN A 170 -31.87 -11.45 17.37
CA ASN A 170 -31.79 -12.73 18.08
C ASN A 170 -31.58 -12.53 19.58
N GLU A 171 -30.69 -11.59 19.95
CA GLU A 171 -30.37 -11.27 21.34
C GLU A 171 -29.64 -12.45 22.01
N GLU A 172 -29.53 -13.56 21.30
CA GLU A 172 -28.79 -14.73 21.76
C GLU A 172 -27.64 -15.07 20.84
N LEU A 173 -27.82 -14.93 19.52
CA LEU A 173 -26.70 -15.05 18.60
C LEU A 173 -25.77 -13.84 18.72
N HIS A 174 -26.29 -12.69 19.18
CA HIS A 174 -25.44 -11.52 19.38
C HIS A 174 -24.34 -11.81 20.39
N ILE A 175 -24.68 -12.48 21.49
CA ILE A 175 -23.71 -12.73 22.55
C ILE A 175 -22.61 -13.66 22.05
N GLU A 176 -23.00 -14.76 21.41
CA GLU A 176 -22.02 -15.71 20.89
C GLU A 176 -21.16 -15.08 19.82
N LEU A 177 -21.76 -14.25 18.96
CA LEU A 177 -21.00 -13.56 17.94
C LEU A 177 -20.00 -12.60 18.53
N ALA A 178 -20.39 -11.87 19.58
CA ALA A 178 -19.46 -10.96 20.24
C ALA A 178 -18.30 -11.70 20.90
N ILE A 179 -18.60 -12.82 21.56
CA ILE A 179 -17.55 -13.60 22.21
C ILE A 179 -16.60 -14.19 21.17
N LEU A 180 -17.14 -14.71 20.07
CA LEU A 180 -16.29 -15.22 19.00
C LEU A 180 -15.45 -14.10 18.38
N LEU A 181 -16.04 -12.90 18.24
CA LEU A 181 -15.27 -11.77 17.73
C LEU A 181 -14.13 -11.43 18.66
N ALA A 182 -14.35 -11.49 19.97
CA ALA A 182 -13.27 -11.24 20.91
C ALA A 182 -12.17 -12.29 20.78
N LEU A 183 -12.56 -13.56 20.62
CA LEU A 183 -11.55 -14.62 20.45
C LEU A 183 -10.73 -14.41 19.18
N LEU A 184 -11.40 -14.06 18.08
CA LEU A 184 -10.70 -13.83 16.82
C LEU A 184 -9.77 -12.62 16.93
N VAL A 185 -10.23 -11.56 17.60
CA VAL A 185 -9.39 -10.38 17.79
C VAL A 185 -8.16 -10.74 18.62
N GLY A 186 -8.36 -11.53 19.69
CA GLY A 186 -7.22 -11.93 20.50
C GLY A 186 -6.23 -12.78 19.73
N ILE A 187 -6.71 -13.71 18.90
CA ILE A 187 -5.81 -14.54 18.11
C ILE A 187 -5.05 -13.69 17.10
N LEU A 188 -5.72 -12.76 16.43
CA LEU A 188 -5.04 -11.91 15.47
C LEU A 188 -4.00 -11.03 16.15
N GLU A 189 -4.33 -10.49 17.34
CA GLU A 189 -3.37 -9.66 18.07
C GLU A 189 -2.17 -10.46 18.51
N CYS A 190 -2.38 -11.70 19.00
CA CYS A 190 -1.25 -12.53 19.39
C CYS A 190 -0.38 -12.87 18.20
N ILE A 191 -0.99 -13.14 17.04
CA ILE A 191 -0.22 -13.43 15.84
C ILE A 191 0.60 -12.22 15.42
N MET A 192 -0.02 -11.04 15.41
CA MET A 192 0.68 -9.83 14.99
C MET A 192 1.71 -9.37 16.01
N GLY A 193 1.60 -9.81 17.26
CA GLY A 193 2.59 -9.48 18.26
C GLY A 193 3.77 -10.44 18.25
N LEU A 194 3.50 -11.73 18.04
CA LEU A 194 4.58 -12.70 17.94
C LEU A 194 5.42 -12.48 16.68
N LEU A 195 4.77 -12.21 15.56
CA LEU A 195 5.47 -11.98 14.30
C LEU A 195 5.99 -10.56 14.17
N ARG A 196 5.69 -9.68 15.13
CA ARG A 196 6.15 -8.29 15.10
C ARG A 196 5.76 -7.60 13.80
N LEU A 197 4.51 -7.81 13.36
CA LEU A 197 3.99 -7.23 12.14
C LEU A 197 3.18 -5.97 12.39
N GLY A 198 3.37 -5.32 13.53
CA GLY A 198 2.61 -4.12 13.83
C GLY A 198 2.97 -2.94 12.96
N TRP A 199 4.17 -2.92 12.40
CA TRP A 199 4.59 -1.78 11.57
C TRP A 199 3.85 -1.72 10.25
N LEU A 200 3.16 -2.80 9.85
CA LEU A 200 2.40 -2.78 8.61
C LEU A 200 1.18 -1.89 8.66
N ILE A 201 0.76 -1.45 9.85
CA ILE A 201 -0.43 -0.64 10.00
C ILE A 201 -0.11 0.80 10.38
N ARG A 202 1.00 1.04 11.06
CA ARG A 202 1.33 2.37 11.58
C ARG A 202 1.68 3.38 10.51
N PHE A 203 1.56 3.03 9.22
CA PHE A 203 1.73 4.01 8.17
C PHE A 203 0.52 4.91 8.00
N ILE A 204 -0.60 4.59 8.64
CA ILE A 204 -1.82 5.38 8.49
C ILE A 204 -1.65 6.70 9.22
N SER A 205 -1.95 7.80 8.52
CA SER A 205 -1.74 9.13 9.09
C SER A 205 -2.67 9.36 10.26
N HIS A 206 -2.21 10.21 11.19
CA HIS A 206 -3.03 10.52 12.35
C HIS A 206 -4.27 11.33 11.99
N SER A 207 -4.21 12.10 10.89
CA SER A 207 -5.37 12.85 10.45
C SER A 207 -6.50 11.93 10.05
N VAL A 208 -6.18 10.84 9.35
CA VAL A 208 -7.20 9.88 8.95
C VAL A 208 -7.86 9.26 10.17
N ILE A 209 -7.05 8.85 11.15
CA ILE A 209 -7.59 8.24 12.36
C ILE A 209 -8.45 9.24 13.12
N SER A 210 -8.00 10.50 13.21
CA SER A 210 -8.76 11.51 13.93
C SER A 210 -10.09 11.78 13.25
N GLY A 211 -10.11 11.88 11.92
CA GLY A 211 -11.36 12.09 11.22
C GLY A 211 -12.32 10.93 11.37
N PHE A 212 -11.79 9.70 11.25
CA PHE A 212 -12.63 8.53 11.43
C PHE A 212 -13.21 8.47 12.84
N THR A 213 -12.40 8.80 13.84
CA THR A 213 -12.86 8.78 15.22
C THR A 213 -13.91 9.86 15.47
N SER A 214 -13.73 11.05 14.90
CA SER A 214 -14.73 12.10 15.07
C SER A 214 -16.06 11.71 14.43
N ALA A 215 -16.02 11.16 13.22
CA ALA A 215 -17.25 10.71 12.57
C ALA A 215 -17.91 9.59 13.37
N SER A 216 -17.10 8.67 13.91
CA SER A 216 -17.65 7.60 14.73
C SER A 216 -18.30 8.16 16.00
N ALA A 217 -17.70 9.19 16.59
CA ALA A 217 -18.29 9.80 17.78
C ALA A 217 -19.63 10.44 17.46
N ILE A 218 -19.73 11.14 16.33
CA ILE A 218 -21.01 11.73 15.95
C ILE A 218 -22.05 10.65 15.70
N VAL A 219 -21.65 9.56 15.03
CA VAL A 219 -22.57 8.46 14.77
C VAL A 219 -23.04 7.83 16.08
N ILE A 220 -22.13 7.66 17.04
CA ILE A 220 -22.48 7.08 18.33
C ILE A 220 -23.48 7.97 19.06
N GLY A 221 -23.24 9.27 19.08
CA GLY A 221 -24.18 10.18 19.72
C GLY A 221 -25.55 10.16 19.08
N LEU A 222 -25.59 10.18 17.74
CA LEU A 222 -26.87 10.16 17.05
C LEU A 222 -27.57 8.81 17.18
N SER A 223 -26.83 7.74 17.43
CA SER A 223 -27.47 6.46 17.71
C SER A 223 -28.03 6.42 19.13
N GLN A 224 -27.34 7.03 20.07
CA GLN A 224 -27.77 7.01 21.46
C GLN A 224 -28.86 8.02 21.77
N ILE A 225 -29.10 9.01 20.90
CA ILE A 225 -30.17 9.96 21.14
C ILE A 225 -31.53 9.28 21.14
N LYS A 226 -31.63 8.05 20.62
CA LYS A 226 -32.92 7.37 20.57
C LYS A 226 -33.47 7.07 21.96
N TYR A 227 -32.58 6.86 22.94
CA TYR A 227 -33.05 6.66 24.31
C TYR A 227 -33.60 7.96 24.89
N PHE A 228 -32.99 9.10 24.54
CA PHE A 228 -33.54 10.39 24.94
C PHE A 228 -34.91 10.61 24.32
N LEU A 229 -35.05 10.29 23.03
CA LEU A 229 -36.32 10.50 22.34
C LEU A 229 -37.44 9.65 22.93
N GLY A 230 -37.12 8.39 23.25
CA GLY A 230 -38.09 7.49 23.84
C GLY A 230 -38.71 6.49 22.88
N TYR A 231 -38.42 6.58 21.58
CA TYR A 231 -38.93 5.63 20.60
C TYR A 231 -37.77 5.06 19.79
N SER A 232 -37.94 3.81 19.37
CA SER A 232 -36.90 3.14 18.59
C SER A 232 -36.73 3.80 17.23
N ILE A 233 -35.49 3.96 16.81
CA ILE A 233 -35.16 4.57 15.53
C ILE A 233 -34.50 3.52 14.65
N ALA A 234 -34.43 3.82 13.35
CA ALA A 234 -33.81 2.89 12.42
C ALA A 234 -32.34 2.73 12.76
N ARG A 235 -31.88 1.48 12.78
CA ARG A 235 -30.52 1.14 13.15
C ARG A 235 -29.64 1.20 11.91
N SER A 236 -28.70 2.15 11.90
CA SER A 236 -27.76 2.27 10.79
C SER A 236 -26.54 3.04 11.25
N SER A 237 -25.46 2.93 10.47
CA SER A 237 -24.22 3.62 10.74
C SER A 237 -24.05 4.88 9.90
N LYS A 238 -25.10 5.30 9.20
CA LYS A 238 -25.07 6.49 8.36
C LYS A 238 -26.01 7.55 8.94
N ILE A 239 -25.64 8.81 8.75
CA ILE A 239 -26.39 9.90 9.38
C ILE A 239 -27.75 10.08 8.73
N VAL A 240 -27.82 9.96 7.41
CA VAL A 240 -29.07 10.25 6.70
C VAL A 240 -30.20 9.31 7.12
N PRO A 241 -30.04 7.98 7.13
CA PRO A 241 -31.14 7.13 7.63
C PRO A 241 -31.49 7.39 9.07
N ILE A 242 -30.51 7.70 9.92
CA ILE A 242 -30.80 7.97 11.33
C ILE A 242 -31.68 9.20 11.47
N VAL A 243 -31.33 10.28 10.76
CA VAL A 243 -32.10 11.51 10.85
C VAL A 243 -33.48 11.31 10.24
N GLU A 244 -33.56 10.56 9.13
CA GLU A 244 -34.85 10.27 8.53
C GLU A 244 -35.76 9.50 9.49
N SER A 245 -35.21 8.50 10.17
CA SER A 245 -36.00 7.74 11.13
C SER A 245 -36.44 8.60 12.30
N ILE A 246 -35.55 9.47 12.79
CA ILE A 246 -35.91 10.34 13.89
C ILE A 246 -37.06 11.27 13.49
N ILE A 247 -36.98 11.85 12.29
CA ILE A 247 -38.05 12.71 11.80
C ILE A 247 -39.34 11.92 11.65
N ALA A 248 -39.25 10.69 11.13
CA ALA A 248 -40.44 9.86 10.94
C ALA A 248 -41.12 9.54 12.26
N GLY A 249 -40.33 9.22 13.28
CA GLY A 249 -40.87 8.85 14.57
C GLY A 249 -41.14 9.99 15.52
N ALA A 250 -40.81 11.22 15.14
CA ALA A 250 -41.05 12.37 16.02
C ALA A 250 -42.46 12.43 16.59
N ASP A 251 -43.42 11.75 15.98
CA ASP A 251 -44.78 11.70 16.53
C ASP A 251 -44.88 10.83 17.78
N LYS A 252 -43.85 10.06 18.12
CA LYS A 252 -43.84 9.23 19.30
C LYS A 252 -42.91 9.77 20.39
N PHE A 253 -42.74 11.08 20.44
CA PHE A 253 -41.84 11.70 21.40
C PHE A 253 -42.41 11.64 22.80
N GLN A 254 -41.54 11.43 23.79
CA GLN A 254 -41.90 11.46 25.19
C GLN A 254 -41.05 12.48 25.92
N TRP A 255 -41.68 13.24 26.83
CA TRP A 255 -41.00 14.28 27.59
C TRP A 255 -40.15 13.77 28.75
N PRO A 256 -40.63 12.83 29.57
CA PRO A 256 -39.84 12.41 30.75
C PRO A 256 -38.47 11.88 30.40
N PRO A 257 -38.34 10.91 29.47
CA PRO A 257 -36.99 10.40 29.19
C PRO A 257 -36.08 11.46 28.60
N PHE A 258 -36.60 12.34 27.75
CA PHE A 258 -35.76 13.40 27.18
C PHE A 258 -35.28 14.36 28.26
N VAL A 259 -36.17 14.76 29.17
CA VAL A 259 -35.78 15.66 30.24
C VAL A 259 -34.74 15.02 31.14
N MET A 260 -34.96 13.75 31.50
CA MET A 260 -34.01 13.04 32.35
C MET A 260 -32.65 12.94 31.68
N GLY A 261 -32.62 12.56 30.40
CA GLY A 261 -31.36 12.47 29.69
C GLY A 261 -30.66 13.79 29.56
N SER A 262 -31.40 14.85 29.25
CA SER A 262 -30.80 16.17 29.11
C SER A 262 -30.20 16.65 30.44
N LEU A 263 -30.93 16.48 31.54
CA LEU A 263 -30.40 16.90 32.84
C LEU A 263 -29.18 16.08 33.22
N ILE A 264 -29.21 14.77 33.01
CA ILE A 264 -28.08 13.94 33.37
C ILE A 264 -26.86 14.31 32.54
N LEU A 265 -27.05 14.53 31.24
CA LEU A 265 -25.93 14.92 30.38
C LEU A 265 -25.37 16.27 30.77
N VAL A 266 -26.23 17.22 31.11
CA VAL A 266 -25.77 18.54 31.54
C VAL A 266 -24.95 18.42 32.81
N ILE A 267 -25.44 17.65 33.79
CA ILE A 267 -24.71 17.48 35.04
C ILE A 267 -23.36 16.83 34.79
N LEU A 268 -23.33 15.79 33.95
CA LEU A 268 -22.09 15.09 33.66
C LEU A 268 -21.08 16.01 32.99
N GLN A 269 -21.53 16.80 32.00
CA GLN A 269 -20.61 17.69 31.31
C GLN A 269 -20.12 18.81 32.22
N VAL A 270 -20.99 19.33 33.08
CA VAL A 270 -20.57 20.36 34.04
C VAL A 270 -19.52 19.80 35.00
N MET A 271 -19.76 18.59 35.51
CA MET A 271 -18.79 17.97 36.41
C MET A 271 -17.46 17.74 35.71
N LYS A 272 -17.49 17.26 34.47
CA LYS A 272 -16.25 17.00 33.74
C LYS A 272 -15.49 18.30 33.49
N HIS A 273 -16.19 19.36 33.09
CA HIS A 273 -15.53 20.64 32.84
C HIS A 273 -14.95 21.22 34.12
N VAL A 274 -15.67 21.12 35.23
CA VAL A 274 -15.12 21.61 36.50
C VAL A 274 -13.90 20.82 36.90
N GLY A 275 -13.94 19.49 36.75
CA GLY A 275 -12.80 18.68 37.09
C GLY A 275 -11.57 18.99 36.24
N LYS A 276 -11.78 19.20 34.94
CA LYS A 276 -10.66 19.50 34.07
C LYS A 276 -10.14 20.92 34.26
N ALA A 277 -11.01 21.85 34.70
CA ALA A 277 -10.58 23.23 34.91
C ALA A 277 -9.68 23.34 36.13
N LYS A 278 -10.03 22.68 37.22
CA LYS A 278 -9.24 22.74 38.45
C LYS A 278 -8.16 21.68 38.43
N LYS A 279 -7.10 21.93 39.20
CA LYS A 279 -5.97 21.01 39.26
C LYS A 279 -6.10 19.98 40.36
N GLU A 280 -6.72 20.35 41.48
CA GLU A 280 -6.88 19.44 42.62
C GLU A 280 -8.24 18.74 42.63
N LEU A 281 -9.28 19.41 42.15
CA LEU A 281 -10.63 18.82 42.11
C LEU A 281 -10.87 18.09 40.79
N GLN A 282 -9.94 17.21 40.42
CA GLN A 282 -9.98 16.52 39.15
C GLN A 282 -10.57 15.11 39.25
N PHE A 283 -10.98 14.69 40.44
CA PHE A 283 -11.59 13.37 40.59
C PHE A 283 -13.02 13.32 40.08
N LEU A 284 -13.66 14.49 39.89
CA LEU A 284 -15.04 14.51 39.43
C LEU A 284 -15.20 13.83 38.08
N ARG A 285 -14.18 13.92 37.22
CA ARG A 285 -14.23 13.23 35.93
C ARG A 285 -14.49 11.75 36.12
N ALA A 286 -13.89 11.14 37.14
CA ALA A 286 -14.15 9.73 37.42
C ALA A 286 -15.50 9.53 38.09
N ALA A 287 -15.96 10.49 38.89
CA ALA A 287 -17.22 10.34 39.59
C ALA A 287 -18.42 10.80 38.77
N ALA A 288 -18.19 11.42 37.61
CA ALA A 288 -19.30 11.90 36.80
C ALA A 288 -20.20 10.79 36.29
N PRO A 289 -19.70 9.71 35.66
CA PRO A 289 -20.62 8.67 35.18
C PRO A 289 -21.42 8.01 36.28
N LEU A 290 -20.81 7.79 37.46
CA LEU A 290 -21.54 7.17 38.55
C LEU A 290 -22.61 8.12 39.11
N THR A 291 -22.22 9.36 39.39
CA THR A 291 -23.12 10.29 40.05
C THR A 291 -24.42 10.45 39.27
N GLY A 292 -24.32 10.57 37.94
CA GLY A 292 -25.52 10.70 37.14
C GLY A 292 -26.49 9.56 37.38
N ILE A 293 -25.99 8.33 37.38
CA ILE A 293 -26.85 7.20 37.71
C ILE A 293 -27.41 7.36 39.11
N VAL A 294 -26.55 7.67 40.08
CA VAL A 294 -27.00 7.89 41.44
C VAL A 294 -28.06 8.99 41.46
N LEU A 295 -27.94 9.96 40.56
CA LEU A 295 -29.00 10.95 40.41
C LEU A 295 -30.23 10.32 39.77
N GLY A 296 -30.06 9.74 38.57
CA GLY A 296 -31.22 9.36 37.78
C GLY A 296 -32.10 8.35 38.49
N THR A 297 -31.48 7.29 39.02
CA THR A 297 -32.23 6.26 39.74
C THR A 297 -33.08 6.87 40.84
N THR A 298 -32.54 7.91 41.51
CA THR A 298 -33.29 8.55 42.59
C THR A 298 -34.64 9.06 42.08
N ILE A 299 -34.63 9.78 40.95
CA ILE A 299 -35.91 10.23 40.39
C ILE A 299 -36.74 9.05 39.93
N ALA A 300 -36.10 7.99 39.44
CA ALA A 300 -36.84 6.80 39.08
C ALA A 300 -37.46 6.11 40.30
N LYS A 301 -36.98 6.42 41.50
CA LYS A 301 -37.51 5.83 42.72
C LYS A 301 -38.33 6.81 43.54
N VAL A 302 -38.61 8.01 43.03
CA VAL A 302 -39.39 8.99 43.76
C VAL A 302 -40.65 9.34 42.97
N PHE A 303 -40.46 9.87 41.77
CA PHE A 303 -41.58 10.30 40.93
C PHE A 303 -42.14 9.18 40.06
N HIS A 304 -41.31 8.20 39.72
CA HIS A 304 -41.68 7.07 38.86
C HIS A 304 -42.32 7.54 37.57
N PRO A 305 -41.57 8.15 36.66
CA PRO A 305 -42.14 8.56 35.37
C PRO A 305 -42.62 7.35 34.59
N PRO A 306 -43.73 7.48 33.85
CA PRO A 306 -44.27 6.29 33.17
C PRO A 306 -43.49 5.87 31.94
N SER A 307 -42.95 6.82 31.19
CA SER A 307 -42.36 6.53 29.88
C SER A 307 -40.88 6.22 29.93
N ILE A 308 -40.26 6.24 31.11
CA ILE A 308 -38.86 5.88 31.23
C ILE A 308 -38.72 4.37 31.25
N SER A 309 -37.55 3.89 30.83
CA SER A 309 -37.27 2.47 30.73
C SER A 309 -36.04 2.13 31.57
N LEU A 310 -36.11 1.01 32.29
CA LEU A 310 -35.02 0.53 33.12
C LEU A 310 -34.30 -0.61 32.42
N VAL A 311 -33.07 -0.89 32.89
CA VAL A 311 -32.28 -1.92 32.26
C VAL A 311 -32.84 -3.31 32.51
N GLY A 312 -33.73 -3.46 33.49
CA GLY A 312 -34.31 -4.76 33.78
C GLY A 312 -33.41 -5.63 34.63
N GLU A 313 -33.84 -6.87 34.80
CA GLU A 313 -33.11 -7.82 35.63
C GLU A 313 -31.74 -8.11 35.02
N ILE A 314 -30.71 -8.15 35.88
CA ILE A 314 -29.35 -8.40 35.47
C ILE A 314 -28.87 -9.66 36.18
N PRO A 315 -28.31 -10.64 35.48
CA PRO A 315 -27.86 -11.86 36.15
C PRO A 315 -26.74 -11.58 37.15
N GLN A 316 -26.74 -12.35 38.22
CA GLN A 316 -25.79 -12.17 39.32
C GLN A 316 -24.78 -13.32 39.32
N GLY A 317 -23.51 -12.98 39.49
CA GLY A 317 -22.47 -13.98 39.59
C GLY A 317 -21.37 -13.83 38.57
N LEU A 318 -20.21 -14.41 38.86
CA LEU A 318 -19.08 -14.34 37.93
C LEU A 318 -19.36 -15.19 36.70
N PRO A 319 -18.81 -14.80 35.54
CA PRO A 319 -18.98 -15.61 34.35
C PRO A 319 -18.29 -16.95 34.46
N THR A 320 -18.82 -17.94 33.76
CA THR A 320 -18.30 -19.30 33.78
C THR A 320 -17.56 -19.60 32.48
N PHE A 321 -16.66 -20.58 32.56
CA PHE A 321 -15.88 -20.98 31.39
C PHE A 321 -16.78 -21.62 30.35
N SER A 322 -16.61 -21.20 29.09
CA SER A 322 -17.40 -21.77 28.00
C SER A 322 -16.70 -21.44 26.69
N PHE A 323 -16.34 -22.47 25.92
CA PHE A 323 -15.79 -22.25 24.60
C PHE A 323 -16.86 -21.67 23.68
N PRO A 324 -16.48 -20.87 22.69
CA PRO A 324 -17.45 -20.38 21.71
C PRO A 324 -18.06 -21.52 20.93
N ARG A 325 -19.34 -21.37 20.56
CA ARG A 325 -20.08 -22.39 19.84
C ARG A 325 -20.54 -21.95 18.45
N SER A 326 -20.21 -20.75 18.02
CA SER A 326 -20.70 -20.21 16.75
C SER A 326 -19.56 -19.98 15.77
N PHE A 327 -18.66 -20.96 15.66
CA PHE A 327 -17.54 -20.86 14.71
C PHE A 327 -18.02 -20.78 13.27
N ASP A 328 -19.28 -21.14 13.00
CA ASP A 328 -19.78 -21.17 11.64
C ASP A 328 -19.78 -19.79 11.00
N HIS A 329 -19.92 -18.74 11.79
CA HIS A 329 -19.87 -17.37 11.30
C HIS A 329 -18.48 -16.77 11.35
N ALA A 330 -17.48 -17.56 11.76
CA ALA A 330 -16.15 -17.00 11.98
C ALA A 330 -15.60 -16.33 10.73
N LYS A 331 -15.80 -16.95 9.56
CA LYS A 331 -15.27 -16.36 8.32
C LYS A 331 -15.90 -15.01 8.02
N THR A 332 -17.14 -14.78 8.48
CA THR A 332 -17.77 -13.50 8.27
C THR A 332 -17.14 -12.42 9.15
N LEU A 333 -16.49 -12.82 10.24
CA LEU A 333 -16.00 -11.88 11.23
C LEU A 333 -14.54 -11.51 11.07
N LEU A 334 -13.81 -12.11 10.13
CA LEU A 334 -12.44 -11.68 9.88
C LEU A 334 -12.34 -10.20 9.49
N PRO A 335 -13.18 -9.66 8.58
CA PRO A 335 -13.04 -8.24 8.24
C PRO A 335 -13.21 -7.32 9.43
N THR A 336 -14.06 -7.66 10.39
CA THR A 336 -14.18 -6.85 11.60
C THR A 336 -13.04 -7.14 12.57
N SER A 337 -12.70 -8.42 12.75
CA SER A 337 -11.65 -8.81 13.69
C SER A 337 -10.33 -8.13 13.33
N ALA A 338 -10.02 -8.02 12.04
CA ALA A 338 -8.85 -7.27 11.63
C ALA A 338 -8.99 -5.80 11.99
N LEU A 339 -10.13 -5.21 11.64
CA LEU A 339 -10.34 -3.77 11.86
C LEU A 339 -10.15 -3.41 13.32
N ILE A 340 -10.85 -4.11 14.22
CA ILE A 340 -10.67 -3.88 15.64
C ILE A 340 -9.21 -4.06 16.03
N THR A 341 -8.56 -5.12 15.52
CA THR A 341 -7.15 -5.32 15.81
C THR A 341 -6.33 -4.13 15.36
N GLY A 342 -6.64 -3.59 14.17
CA GLY A 342 -5.93 -2.40 13.72
C GLY A 342 -6.05 -1.26 14.71
N VAL A 343 -7.25 -1.08 15.27
CA VAL A 343 -7.43 -0.05 16.30
C VAL A 343 -6.45 -0.28 17.45
N ALA A 344 -6.36 -1.52 17.92
CA ALA A 344 -5.44 -1.83 19.00
C ALA A 344 -4.00 -1.52 18.62
N ILE A 345 -3.65 -1.71 17.35
CA ILE A 345 -2.30 -1.38 16.92
C ILE A 345 -2.10 0.13 16.89
N LEU A 346 -3.14 0.87 16.52
CA LEU A 346 -2.98 2.30 16.28
C LEU A 346 -3.26 3.14 17.51
N GLU A 347 -4.25 2.76 18.31
CA GLU A 347 -4.67 3.56 19.47
C GLU A 347 -4.12 3.04 20.78
N SER A 348 -4.42 1.78 21.12
CA SER A 348 -4.03 1.25 22.42
C SER A 348 -2.52 1.22 22.59
N VAL A 349 -1.80 0.78 21.56
CA VAL A 349 -0.34 0.75 21.63
C VAL A 349 0.21 2.16 21.71
N GLY A 350 -0.41 3.11 21.01
CA GLY A 350 0.02 4.49 21.11
C GLY A 350 -0.15 5.05 22.51
N ILE A 351 -1.27 4.74 23.16
CA ILE A 351 -1.50 5.18 24.53
C ILE A 351 -0.46 4.56 25.45
N ALA A 352 -0.18 3.26 25.27
CA ALA A 352 0.81 2.60 26.12
C ALA A 352 2.19 3.23 25.94
N LYS A 353 2.59 3.51 24.70
CA LYS A 353 3.90 4.10 24.45
C LYS A 353 3.99 5.50 25.02
N ALA A 354 2.94 6.32 24.86
CA ALA A 354 2.96 7.67 25.40
C ALA A 354 3.06 7.63 26.92
N LEU A 355 2.29 6.75 27.57
CA LEU A 355 2.35 6.65 29.03
C LEU A 355 3.71 6.16 29.49
N ALA A 356 4.30 5.21 28.76
CA ALA A 356 5.62 4.70 29.14
C ALA A 356 6.68 5.79 29.01
N ALA A 357 6.61 6.59 27.95
CA ALA A 357 7.55 7.70 27.79
C ALA A 357 7.35 8.74 28.90
N LYS A 358 6.11 9.00 29.28
CA LYS A 358 5.85 9.96 30.35
C LYS A 358 6.36 9.45 31.69
N ASN A 359 6.20 8.16 31.97
CA ASN A 359 6.43 7.61 33.30
C ASN A 359 7.77 6.92 33.45
N ARG A 360 8.68 7.08 32.48
CA ARG A 360 10.08 6.68 32.62
C ARG A 360 10.23 5.17 32.81
N TYR A 361 9.70 4.41 31.85
CA TYR A 361 9.96 2.98 31.79
C TYR A 361 9.88 2.51 30.35
N GLU A 362 10.49 1.37 30.09
CA GLU A 362 10.58 0.83 28.74
C GLU A 362 9.29 0.12 28.35
N LEU A 363 8.96 0.19 27.06
CA LEU A 363 7.81 -0.53 26.53
C LEU A 363 8.04 -0.77 25.04
N ASP A 364 7.62 -1.94 24.58
CA ASP A 364 7.72 -2.31 23.18
C ASP A 364 6.34 -2.59 22.61
N SER A 365 6.17 -2.31 21.31
CA SER A 365 4.86 -2.41 20.68
C SER A 365 4.46 -3.84 20.37
N ASN A 366 5.35 -4.82 20.53
CA ASN A 366 5.02 -6.19 20.23
C ASN A 366 4.56 -6.97 21.46
N SER A 367 5.27 -6.82 22.58
CA SER A 367 4.81 -7.47 23.81
C SER A 367 3.48 -6.91 24.27
N GLU A 368 3.24 -5.61 24.02
CA GLU A 368 1.95 -5.03 24.37
C GLU A 368 0.82 -5.65 23.55
N LEU A 369 1.04 -5.83 22.25
CA LEU A 369 0.03 -6.50 21.42
C LEU A 369 -0.18 -7.94 21.86
N PHE A 370 0.91 -8.63 22.22
CA PHE A 370 0.76 -10.00 22.70
C PHE A 370 -0.07 -10.04 23.97
N GLY A 371 0.18 -9.10 24.89
CA GLY A 371 -0.61 -9.04 26.11
C GLY A 371 -2.06 -8.75 25.86
N LEU A 372 -2.36 -7.81 24.96
CA LEU A 372 -3.74 -7.53 24.59
C LEU A 372 -4.41 -8.77 23.99
N GLY A 373 -3.69 -9.49 23.13
CA GLY A 373 -4.26 -10.69 22.54
C GLY A 373 -4.55 -11.76 23.55
N VAL A 374 -3.62 -11.98 24.49
CA VAL A 374 -3.85 -12.97 25.54
C VAL A 374 -5.05 -12.59 26.40
N ALA A 375 -5.14 -11.30 26.75
CA ALA A 375 -6.28 -10.83 27.54
C ALA A 375 -7.58 -11.06 26.80
N ASN A 376 -7.61 -10.74 25.50
CA ASN A 376 -8.83 -10.94 24.72
C ASN A 376 -9.19 -12.41 24.61
N ILE A 377 -8.20 -13.29 24.44
CA ILE A 377 -8.48 -14.72 24.32
C ILE A 377 -9.09 -15.25 25.61
N LEU A 378 -8.50 -14.89 26.75
CA LEU A 378 -9.05 -15.35 28.03
C LEU A 378 -10.43 -14.74 28.30
N GLY A 379 -10.63 -13.47 27.95
CA GLY A 379 -11.94 -12.89 28.10
C GLY A 379 -12.99 -13.59 27.27
N SER A 380 -12.64 -13.97 26.04
CA SER A 380 -13.55 -14.75 25.21
C SER A 380 -13.86 -16.09 25.86
N LEU A 381 -12.84 -16.74 26.42
CA LEU A 381 -13.09 -17.96 27.16
C LEU A 381 -13.98 -17.75 28.38
N PHE A 382 -14.07 -16.52 28.89
CA PHE A 382 -14.92 -16.23 30.04
C PHE A 382 -16.01 -15.24 29.69
N SER A 383 -16.60 -15.38 28.49
CA SER A 383 -17.79 -14.63 28.08
C SER A 383 -17.57 -13.12 28.12
N ALA A 384 -16.63 -12.65 27.31
CA ALA A 384 -16.36 -11.22 27.17
C ALA A 384 -16.21 -10.86 25.71
N TYR A 385 -16.51 -9.60 25.39
CA TYR A 385 -16.39 -9.07 24.05
C TYR A 385 -15.19 -8.12 23.98
N PRO A 386 -14.68 -7.81 22.78
CA PRO A 386 -13.31 -7.27 22.67
C PRO A 386 -13.09 -6.05 23.54
N ALA A 387 -11.92 -6.01 24.19
CA ALA A 387 -11.54 -4.95 25.10
C ALA A 387 -10.15 -4.44 24.74
N THR A 388 -10.02 -3.12 24.60
CA THR A 388 -8.73 -2.50 24.32
C THR A 388 -8.45 -1.37 25.29
N GLY A 389 -7.36 -0.64 25.06
CA GLY A 389 -7.03 0.48 25.93
C GLY A 389 -8.02 1.62 25.79
N SER A 390 -8.21 2.34 26.89
CA SER A 390 -9.18 3.42 26.97
C SER A 390 -8.46 4.75 27.06
N PHE A 391 -8.84 5.70 26.19
N PHE A 391 -8.85 5.70 26.20
CA PHE A 391 -8.27 7.03 26.24
CA PHE A 391 -8.24 7.03 26.25
C PHE A 391 -8.62 7.74 27.54
C PHE A 391 -8.64 7.77 27.52
N SER A 392 -9.86 7.57 28.01
CA SER A 392 -10.32 8.27 29.20
C SER A 392 -9.82 7.60 30.47
N ARG A 393 -10.00 6.28 30.56
CA ARG A 393 -9.66 5.57 31.79
C ARG A 393 -8.15 5.52 32.00
N SER A 394 -7.37 5.35 30.93
CA SER A 394 -5.93 5.36 31.08
C SER A 394 -5.43 6.72 31.56
N ALA A 395 -6.01 7.80 31.03
CA ALA A 395 -5.67 9.12 31.54
C ALA A 395 -6.00 9.22 33.02
N VAL A 396 -7.24 8.92 33.39
CA VAL A 396 -7.67 9.03 34.78
C VAL A 396 -6.74 8.21 35.69
N ASN A 397 -6.29 7.06 35.21
CA ASN A 397 -5.26 6.31 35.91
C ASN A 397 -3.97 7.10 35.99
N ASN A 398 -3.64 7.85 34.92
CA ASN A 398 -2.37 8.55 34.88
C ASN A 398 -2.30 9.68 35.91
N GLU A 399 -3.31 10.55 35.96
CA GLU A 399 -3.21 11.58 36.99
C GLU A 399 -3.61 11.07 38.38
N SER A 400 -4.07 9.84 38.50
CA SER A 400 -4.27 9.23 39.81
C SER A 400 -2.96 8.70 40.40
N GLU A 401 -1.83 9.03 39.78
CA GLU A 401 -0.51 8.64 40.25
C GLU A 401 -0.35 7.13 40.31
N ALA A 402 -0.96 6.43 39.34
CA ALA A 402 -0.79 4.98 39.25
C ALA A 402 0.65 4.66 38.86
N LYS A 403 1.27 3.74 39.58
CA LYS A 403 2.68 3.41 39.39
C LYS A 403 2.88 2.06 38.72
N THR A 404 2.22 1.01 39.19
CA THR A 404 2.39 -0.32 38.65
C THR A 404 1.07 -0.81 38.05
N GLY A 405 1.08 -2.06 37.60
CA GLY A 405 -0.11 -2.69 37.07
C GLY A 405 -1.09 -3.16 38.12
N LEU A 406 -0.72 -3.08 39.40
CA LEU A 406 -1.65 -3.45 40.46
C LEU A 406 -2.93 -2.62 40.41
N SER A 407 -2.83 -1.37 39.96
CA SER A 407 -4.02 -0.53 39.79
C SER A 407 -5.04 -1.21 38.89
N GLY A 408 -4.58 -1.99 37.90
CA GLY A 408 -5.51 -2.77 37.12
C GLY A 408 -6.20 -3.84 37.95
N LEU A 409 -5.42 -4.63 38.68
CA LEU A 409 -5.98 -5.73 39.46
C LEU A 409 -7.06 -5.23 40.41
N ILE A 410 -6.74 -4.18 41.18
CA ILE A 410 -7.73 -3.62 42.09
C ILE A 410 -8.99 -3.23 41.33
N THR A 411 -8.83 -2.57 40.18
CA THR A 411 -9.98 -2.24 39.36
C THR A 411 -10.80 -3.48 39.05
N GLY A 412 -10.14 -4.53 38.58
CA GLY A 412 -10.84 -5.77 38.31
C GLY A 412 -11.56 -6.30 39.53
N ILE A 413 -10.90 -6.22 40.70
CA ILE A 413 -11.53 -6.67 41.93
C ILE A 413 -12.82 -5.92 42.16
N ILE A 414 -12.80 -4.60 41.94
CA ILE A 414 -14.03 -3.81 42.09
C ILE A 414 -15.11 -4.38 41.19
N ILE A 415 -14.77 -4.66 39.93
CA ILE A 415 -15.75 -5.25 39.01
C ILE A 415 -16.30 -6.53 39.60
N GLY A 416 -15.41 -7.39 40.10
CA GLY A 416 -15.87 -8.63 40.70
C GLY A 416 -16.85 -8.38 41.82
N CYS A 417 -16.56 -7.40 42.67
CA CYS A 417 -17.47 -7.07 43.76
C CYS A 417 -18.86 -6.75 43.22
N SER A 418 -18.91 -5.92 42.17
CA SER A 418 -20.20 -5.64 41.54
C SER A 418 -20.87 -6.94 41.10
N LEU A 419 -20.13 -7.79 40.40
CA LEU A 419 -20.70 -9.02 39.88
C LEU A 419 -21.17 -9.94 41.00
N LEU A 420 -20.73 -9.68 42.23
CA LEU A 420 -21.18 -10.46 43.37
C LEU A 420 -22.22 -9.75 44.22
N PHE A 421 -22.24 -8.41 44.22
CA PHE A 421 -23.05 -7.73 45.22
C PHE A 421 -23.92 -6.61 44.66
N LEU A 422 -23.50 -5.97 43.57
CA LEU A 422 -24.16 -4.78 43.09
C LEU A 422 -25.14 -5.03 41.95
N THR A 423 -25.17 -6.24 41.40
CA THR A 423 -26.11 -6.53 40.32
C THR A 423 -27.58 -6.38 40.72
N PRO A 424 -28.04 -6.81 41.91
CA PRO A 424 -29.47 -6.61 42.23
C PRO A 424 -29.89 -5.14 42.23
N MET A 425 -29.01 -4.23 42.61
CA MET A 425 -29.34 -2.81 42.63
C MET A 425 -29.20 -2.16 41.27
N PHE A 426 -28.67 -2.86 40.27
CA PHE A 426 -28.46 -2.26 38.95
C PHE A 426 -29.74 -2.24 38.12
N LYS A 427 -30.76 -2.99 38.48
CA LYS A 427 -31.97 -3.08 37.66
C LYS A 427 -32.82 -1.83 37.71
N TYR A 428 -32.52 -0.89 38.60
CA TYR A 428 -33.26 0.37 38.68
C TYR A 428 -32.61 1.48 37.88
N ILE A 429 -31.54 1.21 37.17
CA ILE A 429 -30.84 2.23 36.39
C ILE A 429 -31.63 2.52 35.11
N PRO A 430 -32.03 3.76 34.87
CA PRO A 430 -32.72 4.07 33.61
C PRO A 430 -31.79 3.93 32.42
N GLN A 431 -32.38 3.58 31.28
CA GLN A 431 -31.59 3.47 30.04
C GLN A 431 -31.16 4.84 29.54
N CYS A 432 -31.95 5.87 29.76
CA CYS A 432 -31.57 7.21 29.35
C CYS A 432 -30.32 7.68 30.08
N ALA A 433 -30.12 7.23 31.33
CA ALA A 433 -28.89 7.57 32.04
C ALA A 433 -27.67 6.97 31.35
N LEU A 434 -27.76 5.70 30.94
CA LEU A 434 -26.65 5.08 30.21
C LEU A 434 -26.42 5.76 28.88
N ALA A 435 -27.49 6.15 28.19
CA ALA A 435 -27.35 6.88 26.95
C ALA A 435 -26.64 8.22 27.17
N ALA A 436 -26.99 8.92 28.25
CA ALA A 436 -26.32 10.18 28.57
C ALA A 436 -24.85 9.96 28.88
N ILE A 437 -24.54 8.86 29.57
CA ILE A 437 -23.13 8.54 29.87
C ILE A 437 -22.36 8.31 28.58
N VAL A 438 -22.94 7.56 27.64
CA VAL A 438 -22.25 7.32 26.36
C VAL A 438 -22.07 8.62 25.60
N ILE A 439 -23.10 9.47 25.58
CA ILE A 439 -23.01 10.74 24.86
C ILE A 439 -21.92 11.62 25.48
N SER A 440 -21.85 11.68 26.81
CA SER A 440 -20.81 12.44 27.47
C SER A 440 -19.43 11.87 27.18
N ALA A 441 -19.31 10.55 27.15
CA ALA A 441 -18.02 9.92 26.86
C ALA A 441 -17.54 10.24 25.46
N VAL A 442 -18.46 10.23 24.48
CA VAL A 442 -18.05 10.46 23.08
C VAL A 442 -18.06 11.93 22.69
N SER A 443 -18.56 12.83 23.54
CA SER A 443 -18.47 14.25 23.22
C SER A 443 -17.03 14.72 23.14
N GLY A 444 -16.15 14.13 23.95
CA GLY A 444 -14.74 14.46 23.87
C GLY A 444 -13.98 13.84 22.73
N LEU A 445 -14.61 12.91 22.00
CA LEU A 445 -13.97 12.29 20.86
C LEU A 445 -14.15 13.06 19.57
N VAL A 446 -15.05 14.05 19.53
CA VAL A 446 -15.23 14.90 18.36
C VAL A 446 -14.09 15.91 18.38
N ASP A 447 -13.00 15.59 17.68
CA ASP A 447 -11.72 16.27 17.87
C ASP A 447 -11.51 17.30 16.77
N TYR A 448 -12.28 18.38 16.86
CA TYR A 448 -12.19 19.48 15.91
C TYR A 448 -10.95 20.35 16.13
N ASP A 449 -10.34 20.27 17.31
CA ASP A 449 -9.12 21.03 17.55
C ASP A 449 -8.01 20.61 16.60
N GLU A 450 -7.89 19.30 16.36
CA GLU A 450 -6.91 18.83 15.39
C GLU A 450 -7.26 19.29 13.99
N ALA A 451 -8.56 19.38 13.67
CA ALA A 451 -8.96 19.90 12.37
C ALA A 451 -8.51 21.35 12.19
N ILE A 452 -8.70 22.16 13.23
CA ILE A 452 -8.26 23.55 13.16
C ILE A 452 -6.74 23.62 13.05
N PHE A 453 -6.02 22.79 13.81
CA PHE A 453 -4.57 22.77 13.73
C PHE A 453 -4.09 22.38 12.33
N LEU A 454 -4.71 21.37 11.74
CA LEU A 454 -4.34 20.95 10.40
C LEU A 454 -4.62 22.05 9.38
N TRP A 455 -5.77 22.72 9.51
CA TRP A 455 -6.07 23.82 8.61
C TRP A 455 -5.01 24.91 8.74
N ARG A 456 -4.53 25.16 9.96
CA ARG A 456 -3.51 26.18 10.15
C ARG A 456 -2.17 25.77 9.57
N VAL A 457 -1.81 24.48 9.69
CA VAL A 457 -0.45 24.05 9.37
C VAL A 457 -0.38 23.36 8.01
N ASP A 458 -1.06 22.21 7.87
CA ASP A 458 -0.90 21.35 6.71
C ASP A 458 -2.26 21.10 6.07
N LYS A 459 -2.50 21.72 4.92
CA LYS A 459 -3.81 21.62 4.28
C LYS A 459 -4.03 20.27 3.60
N ARG A 460 -2.97 19.56 3.24
CA ARG A 460 -3.15 18.19 2.75
C ARG A 460 -3.69 17.28 3.85
N ASP A 461 -3.14 17.40 5.06
CA ASP A 461 -3.65 16.63 6.19
C ASP A 461 -5.07 17.06 6.53
N PHE A 462 -5.37 18.35 6.43
CA PHE A 462 -6.74 18.81 6.65
C PHE A 462 -7.69 18.22 5.63
N SER A 463 -7.27 18.15 4.36
CA SER A 463 -8.10 17.55 3.34
C SER A 463 -8.35 16.07 3.62
N LEU A 464 -7.30 15.35 4.05
CA LEU A 464 -7.48 13.95 4.42
C LEU A 464 -8.46 13.81 5.58
N TRP A 465 -8.32 14.66 6.60
CA TRP A 465 -9.20 14.61 7.76
C TRP A 465 -10.64 14.85 7.34
N THR A 466 -10.87 15.89 6.54
CA THR A 466 -12.23 16.24 6.13
C THR A 466 -12.85 15.15 5.26
N ILE A 467 -12.07 14.60 4.32
CA ILE A 467 -12.60 13.56 3.45
C ILE A 467 -12.97 12.32 4.26
N THR A 468 -12.07 11.88 5.14
CA THR A 468 -12.35 10.70 5.94
C THR A 468 -13.55 10.91 6.83
N SER A 469 -13.64 12.07 7.49
CA SER A 469 -14.76 12.35 8.39
C SER A 469 -16.07 12.37 7.62
N THR A 470 -16.11 13.07 6.48
CA THR A 470 -17.35 13.18 5.72
C THR A 470 -17.79 11.81 5.19
N ILE A 471 -16.86 11.04 4.66
CA ILE A 471 -17.22 9.74 4.08
C ILE A 471 -17.68 8.78 5.17
N THR A 472 -17.00 8.77 6.32
CA THR A 472 -17.45 7.91 7.41
C THR A 472 -18.81 8.36 7.95
N LEU A 473 -19.08 9.67 7.93
CA LEU A 473 -20.35 10.17 8.42
C LEU A 473 -21.49 9.77 7.50
N PHE A 474 -21.32 9.99 6.19
CA PHE A 474 -22.43 9.78 5.24
C PHE A 474 -22.50 8.35 4.73
N PHE A 475 -21.36 7.72 4.52
CA PHE A 475 -21.31 6.32 4.11
C PHE A 475 -20.99 5.47 5.32
N GLY A 476 -20.75 4.19 5.10
CA GLY A 476 -20.55 3.27 6.21
C GLY A 476 -19.22 3.48 6.91
N ILE A 477 -19.08 2.82 8.06
CA ILE A 477 -17.80 2.79 8.75
C ILE A 477 -16.76 2.09 7.90
N GLU A 478 -17.14 0.97 7.29
CA GLU A 478 -16.20 0.20 6.49
C GLU A 478 -15.73 0.98 5.27
N ILE A 479 -16.65 1.70 4.62
CA ILE A 479 -16.26 2.52 3.46
C ILE A 479 -15.30 3.62 3.90
N GLY A 480 -15.57 4.27 5.03
CA GLY A 480 -14.67 5.30 5.52
C GLY A 480 -13.29 4.75 5.87
N VAL A 481 -13.25 3.57 6.49
CA VAL A 481 -11.97 2.94 6.81
C VAL A 481 -11.20 2.63 5.53
N LEU A 482 -11.90 2.08 4.52
CA LEU A 482 -11.23 1.76 3.27
C LEU A 482 -10.71 3.00 2.58
N VAL A 483 -11.50 4.08 2.58
CA VAL A 483 -11.04 5.32 1.95
C VAL A 483 -9.83 5.89 2.68
N GLY A 484 -9.86 5.89 4.01
CA GLY A 484 -8.72 6.41 4.75
C GLY A 484 -7.46 5.62 4.53
N VAL A 485 -7.57 4.28 4.59
CA VAL A 485 -6.40 3.44 4.35
C VAL A 485 -5.89 3.59 2.93
N GLY A 486 -6.81 3.67 1.97
CA GLY A 486 -6.40 3.84 0.58
C GLY A 486 -5.70 5.16 0.32
N PHE A 487 -6.20 6.24 0.92
CA PHE A 487 -5.55 7.53 0.74
C PHE A 487 -4.19 7.57 1.42
N SER A 488 -4.07 6.95 2.60
CA SER A 488 -2.78 6.86 3.25
C SER A 488 -1.79 6.08 2.40
N LEU A 489 -2.24 4.96 1.83
CA LEU A 489 -1.37 4.17 0.95
C LEU A 489 -0.99 4.98 -0.30
N ALA A 490 -1.95 5.71 -0.86
CA ALA A 490 -1.66 6.51 -2.05
C ALA A 490 -0.60 7.55 -1.75
N PHE A 491 -0.69 8.19 -0.59
CA PHE A 491 0.30 9.22 -0.26
C PHE A 491 1.66 8.62 0.08
N VAL A 492 1.67 7.44 0.72
CA VAL A 492 2.93 6.75 0.96
C VAL A 492 3.59 6.38 -0.36
N ILE A 493 2.81 5.87 -1.31
CA ILE A 493 3.35 5.48 -2.61
C ILE A 493 3.82 6.71 -3.38
N HIS A 494 3.08 7.82 -3.30
CA HIS A 494 3.49 9.05 -3.96
C HIS A 494 4.81 9.56 -3.40
N GLU A 495 4.97 9.50 -2.07
CA GLU A 495 6.23 9.93 -1.48
C GLU A 495 7.38 9.02 -1.88
N SER A 496 7.14 7.71 -1.89
CA SER A 496 8.20 6.77 -2.26
C SER A 496 8.60 6.92 -3.71
N ALA A 497 7.64 7.21 -4.58
CA ALA A 497 7.85 7.23 -6.02
C ALA A 497 8.39 8.56 -6.54
N ASN A 498 8.58 9.56 -5.68
CA ASN A 498 9.11 10.86 -6.09
C ASN A 498 10.27 11.27 -5.20
N PRO A 499 11.40 10.58 -5.31
CA PRO A 499 12.56 10.95 -4.49
C PRO A 499 13.17 12.26 -4.96
N HIS A 500 13.87 12.92 -4.03
CA HIS A 500 14.51 14.18 -4.34
C HIS A 500 15.86 13.92 -5.00
N ILE A 501 16.10 14.59 -6.12
CA ILE A 501 17.34 14.49 -6.87
C ILE A 501 17.92 15.88 -7.02
N ALA A 502 19.19 16.04 -6.65
CA ALA A 502 19.82 17.35 -6.59
C ALA A 502 20.88 17.48 -7.66
N VAL A 503 20.87 18.61 -8.36
CA VAL A 503 21.90 18.95 -9.34
C VAL A 503 22.94 19.80 -8.61
N LEU A 504 24.09 19.19 -8.34
CA LEU A 504 25.11 19.85 -7.54
C LEU A 504 25.89 20.85 -8.37
N GLY A 505 26.38 21.89 -7.69
CA GLY A 505 27.18 22.90 -8.33
C GLY A 505 28.65 22.73 -8.02
N ARG A 506 29.18 23.57 -7.12
CA ARG A 506 30.58 23.44 -6.74
C ARG A 506 30.80 22.10 -6.03
N LEU A 507 32.03 21.59 -6.14
CA LEU A 507 32.31 20.22 -5.73
C LEU A 507 31.94 19.94 -4.28
N PRO A 508 32.39 20.74 -3.26
CA PRO A 508 31.87 20.57 -1.90
C PRO A 508 30.56 21.32 -1.68
N GLY A 509 29.65 21.18 -2.64
CA GLY A 509 28.39 21.90 -2.57
C GLY A 509 27.19 20.99 -2.55
N THR A 510 26.02 21.57 -2.77
CA THR A 510 24.76 20.85 -2.67
C THR A 510 23.81 21.46 -3.71
N THR A 511 22.51 21.21 -3.54
CA THR A 511 21.51 21.61 -4.53
C THR A 511 21.68 23.08 -4.90
N VAL A 512 21.67 23.36 -6.21
CA VAL A 512 21.81 24.72 -6.68
C VAL A 512 20.47 25.46 -6.76
N TYR A 513 19.36 24.74 -6.80
CA TYR A 513 18.06 25.39 -6.99
C TYR A 513 17.68 26.22 -5.77
N ARG A 514 17.86 25.67 -4.57
CA ARG A 514 17.41 26.36 -3.36
C ARG A 514 18.47 26.48 -2.30
N ASN A 515 19.36 25.51 -2.16
CA ASN A 515 20.26 25.47 -1.00
C ASN A 515 21.34 26.54 -1.11
N ILE A 516 22.17 26.47 -2.15
CA ILE A 516 23.31 27.36 -2.31
C ILE A 516 23.23 28.04 -3.67
N LYS A 517 23.37 29.36 -3.67
CA LYS A 517 23.45 30.14 -4.90
C LYS A 517 24.78 30.87 -5.03
N GLN A 518 25.74 30.58 -4.15
CA GLN A 518 27.01 31.30 -4.14
C GLN A 518 27.85 30.92 -5.35
N TYR A 519 28.84 31.75 -5.64
CA TYR A 519 29.78 31.55 -6.74
C TYR A 519 31.20 31.75 -6.23
N PRO A 520 31.82 30.72 -5.64
CA PRO A 520 33.22 30.86 -5.21
C PRO A 520 34.19 30.87 -6.37
N GLU A 521 33.95 31.77 -7.34
CA GLU A 521 34.76 32.00 -8.52
C GLU A 521 34.64 30.85 -9.53
N ALA A 522 33.98 29.77 -9.13
CA ALA A 522 33.73 28.65 -10.03
C ALA A 522 32.65 27.80 -9.39
N TYR A 523 31.47 27.70 -10.02
CA TYR A 523 30.37 26.96 -9.44
C TYR A 523 29.97 25.77 -10.29
N THR A 524 29.63 25.96 -11.57
CA THR A 524 29.22 24.88 -12.44
C THR A 524 30.14 24.82 -13.65
N TYR A 525 30.23 23.63 -14.25
CA TYR A 525 31.09 23.39 -15.39
C TYR A 525 30.26 23.07 -16.62
N ASN A 526 30.66 23.64 -17.75
CA ASN A 526 29.97 23.38 -19.01
C ASN A 526 30.28 21.97 -19.48
N GLY A 527 29.24 21.20 -19.79
CA GLY A 527 29.38 19.86 -20.28
C GLY A 527 29.22 18.77 -19.25
N ILE A 528 29.35 19.10 -17.96
CA ILE A 528 29.31 18.12 -16.89
C ILE A 528 28.08 18.40 -16.03
N VAL A 529 27.32 17.35 -15.71
CA VAL A 529 26.19 17.43 -14.80
C VAL A 529 26.45 16.47 -13.64
N ILE A 530 26.38 16.99 -12.43
CA ILE A 530 26.58 16.19 -11.22
C ILE A 530 25.22 16.01 -10.55
N VAL A 531 24.81 14.76 -10.38
CA VAL A 531 23.49 14.42 -9.88
C VAL A 531 23.65 13.59 -8.62
N ARG A 532 22.91 13.96 -7.57
CA ARG A 532 22.89 13.23 -6.32
C ARG A 532 21.48 12.74 -6.05
N ILE A 533 21.34 11.44 -5.79
CA ILE A 533 20.05 10.85 -5.45
C ILE A 533 19.94 10.84 -3.93
N ASP A 534 19.11 11.73 -3.39
CA ASP A 534 19.00 11.87 -1.94
C ASP A 534 18.07 10.82 -1.34
N SER A 535 18.30 9.55 -1.65
CA SER A 535 17.49 8.45 -1.14
C SER A 535 18.08 7.11 -1.55
N PRO A 536 17.80 6.04 -0.83
CA PRO A 536 18.14 4.71 -1.33
C PRO A 536 17.34 4.39 -2.57
N ILE A 537 17.96 3.63 -3.48
CA ILE A 537 17.34 3.28 -4.76
C ILE A 537 16.82 1.86 -4.66
N TYR A 538 15.53 1.68 -4.90
CA TYR A 538 14.91 0.37 -4.90
C TYR A 538 13.78 0.37 -5.91
N PHE A 539 12.99 -0.70 -5.93
CA PHE A 539 12.05 -0.91 -7.03
C PHE A 539 10.95 0.15 -7.08
N ALA A 540 10.65 0.81 -5.96
CA ALA A 540 9.55 1.77 -5.97
C ALA A 540 9.92 3.06 -6.67
N ASN A 541 11.13 3.58 -6.44
CA ASN A 541 11.52 4.87 -6.99
C ASN A 541 12.45 4.77 -8.18
N ILE A 542 12.62 3.57 -8.75
CA ILE A 542 13.56 3.42 -9.85
C ILE A 542 13.03 4.06 -11.13
N SER A 543 11.71 4.05 -11.33
CA SER A 543 11.16 4.65 -12.54
C SER A 543 11.37 6.16 -12.58
N TYR A 544 11.13 6.83 -11.45
CA TYR A 544 11.35 8.28 -11.40
C TYR A 544 12.81 8.62 -11.63
N ILE A 545 13.72 7.85 -11.04
CA ILE A 545 15.15 8.10 -11.23
C ILE A 545 15.54 7.87 -12.69
N LYS A 546 14.99 6.83 -13.30
CA LYS A 546 15.26 6.58 -14.72
C LYS A 546 14.78 7.75 -15.58
N ASP A 547 13.59 8.26 -15.31
CA ASP A 547 13.08 9.40 -16.08
C ASP A 547 13.95 10.64 -15.88
N ARG A 548 14.36 10.90 -14.64
CA ARG A 548 15.18 12.07 -14.36
C ARG A 548 16.53 11.96 -15.05
N LEU A 549 17.11 10.76 -15.09
CA LEU A 549 18.39 10.59 -15.77
C LEU A 549 18.23 10.61 -17.28
N ARG A 550 17.06 10.22 -17.80
CA ARG A 550 16.81 10.28 -19.24
C ARG A 550 16.49 11.69 -19.72
N GLU A 551 16.13 12.60 -18.81
CA GLU A 551 15.94 13.98 -19.22
C GLU A 551 17.18 14.54 -19.90
N TYR A 552 18.36 14.09 -19.47
CA TYR A 552 19.60 14.55 -20.10
C TYR A 552 19.73 14.00 -21.52
N GLU A 553 19.32 12.76 -21.75
CA GLU A 553 19.28 12.24 -23.11
C GLU A 553 18.31 13.04 -23.97
N VAL A 554 17.15 13.40 -23.41
CA VAL A 554 16.18 14.20 -24.15
C VAL A 554 16.77 15.56 -24.49
N ALA A 555 17.49 16.16 -23.55
CA ALA A 555 18.15 17.44 -23.83
C ALA A 555 19.20 17.29 -24.93
N VAL A 556 19.96 16.19 -24.92
CA VAL A 556 20.94 15.96 -25.97
C VAL A 556 20.26 15.79 -27.33
N ASP A 557 19.14 15.07 -27.36
CA ASP A 557 18.39 14.89 -28.59
C ASP A 557 17.88 16.22 -29.12
N LYS A 558 17.37 17.07 -28.22
CA LYS A 558 16.93 18.40 -28.62
C LYS A 558 18.08 19.23 -29.16
N TYR A 559 19.25 19.13 -28.53
CA TYR A 559 20.42 19.86 -29.01
C TYR A 559 20.83 19.38 -30.41
N THR A 560 20.81 18.07 -30.64
CA THR A 560 21.19 17.54 -31.94
C THR A 560 20.12 17.77 -33.00
N ASN A 561 18.88 18.00 -32.59
CA ASN A 561 17.79 18.25 -33.53
C ASN A 561 17.68 19.71 -33.93
N ARG A 562 18.48 20.60 -33.35
CA ARG A 562 18.43 22.01 -33.70
C ARG A 562 19.18 22.25 -35.02
N GLY A 563 19.12 23.49 -35.50
CA GLY A 563 19.78 23.85 -36.73
C GLY A 563 21.26 24.14 -36.63
N LEU A 564 21.82 24.06 -35.42
CA LEU A 564 23.24 24.31 -35.20
C LEU A 564 23.83 23.21 -34.33
N GLU A 565 25.13 22.97 -34.50
CA GLU A 565 25.81 21.91 -33.77
C GLU A 565 26.06 22.37 -32.33
N VAL A 566 25.52 21.63 -31.38
CA VAL A 566 25.69 21.94 -29.96
C VAL A 566 25.55 20.65 -29.16
N ASP A 567 26.41 20.49 -28.15
CA ASP A 567 26.34 19.34 -27.26
C ASP A 567 26.96 19.76 -25.93
N ARG A 568 26.13 19.93 -24.91
CA ARG A 568 26.58 20.41 -23.62
C ARG A 568 26.40 19.39 -22.50
N ILE A 569 26.22 18.11 -22.86
CA ILE A 569 26.16 17.02 -21.89
C ILE A 569 27.11 15.94 -22.37
N ASN A 570 28.33 15.92 -21.84
CA ASN A 570 29.31 14.89 -22.18
C ASN A 570 29.54 13.89 -21.06
N PHE A 571 29.46 14.33 -19.80
CA PHE A 571 29.65 13.45 -18.65
C PHE A 571 28.51 13.66 -17.67
N VAL A 572 28.05 12.57 -17.08
CA VAL A 572 27.06 12.61 -16.02
C VAL A 572 27.61 11.85 -14.82
N ILE A 573 27.72 12.54 -13.68
CA ILE A 573 28.31 11.97 -12.47
C ILE A 573 27.20 11.79 -11.45
N LEU A 574 27.12 10.59 -10.87
CA LEU A 574 26.15 10.28 -9.84
C LEU A 574 26.82 10.30 -8.48
N GLU A 575 26.30 11.14 -7.58
CA GLU A 575 26.71 11.14 -6.19
C GLU A 575 25.84 10.13 -5.44
N MET A 576 26.43 9.01 -5.05
CA MET A 576 25.67 7.97 -4.38
C MET A 576 26.01 7.89 -2.89
N SER A 577 26.57 8.97 -2.34
CA SER A 577 26.82 9.01 -0.90
C SER A 577 25.55 8.93 -0.06
N PRO A 578 24.45 9.64 -0.37
CA PRO A 578 23.24 9.45 0.43
C PRO A 578 22.46 8.19 0.09
N VAL A 579 22.83 7.49 -0.98
CA VAL A 579 22.16 6.25 -1.37
C VAL A 579 22.61 5.17 -0.38
N THR A 580 21.74 4.84 0.57
CA THR A 580 22.11 3.88 1.60
C THR A 580 22.30 2.48 1.01
N HIS A 581 21.41 2.06 0.12
CA HIS A 581 21.48 0.72 -0.45
C HIS A 581 20.80 0.74 -1.81
N ILE A 582 21.14 -0.26 -2.63
CA ILE A 582 20.51 -0.45 -3.94
C ILE A 582 20.19 -1.92 -4.12
N ASP A 583 19.09 -2.18 -4.83
CA ASP A 583 18.65 -3.53 -5.11
C ASP A 583 18.98 -3.91 -6.55
N SER A 584 18.46 -5.05 -7.00
CA SER A 584 18.72 -5.52 -8.35
C SER A 584 18.15 -4.58 -9.40
N SER A 585 16.95 -4.04 -9.17
CA SER A 585 16.36 -3.11 -10.11
C SER A 585 17.26 -1.89 -10.31
N ALA A 586 17.91 -1.45 -9.23
CA ALA A 586 18.78 -0.28 -9.32
C ALA A 586 19.95 -0.52 -10.27
N VAL A 587 20.63 -1.67 -10.12
CA VAL A 587 21.79 -1.93 -10.97
C VAL A 587 21.35 -2.22 -12.40
N GLU A 588 20.21 -2.89 -12.58
CA GLU A 588 19.71 -3.10 -13.94
C GLU A 588 19.42 -1.78 -14.63
N ALA A 589 18.74 -0.85 -13.93
CA ALA A 589 18.46 0.45 -14.52
C ALA A 589 19.75 1.23 -14.76
N LEU A 590 20.72 1.12 -13.86
CA LEU A 590 21.98 1.82 -14.06
C LEU A 590 22.70 1.31 -15.30
N LYS A 591 22.69 -0.01 -15.53
CA LYS A 591 23.29 -0.56 -16.74
C LYS A 591 22.55 -0.09 -17.99
N GLU A 592 21.21 -0.06 -17.92
CA GLU A 592 20.44 0.42 -19.06
C GLU A 592 20.75 1.88 -19.38
N LEU A 593 20.81 2.73 -18.36
CA LEU A 593 21.15 4.13 -18.59
C LEU A 593 22.57 4.30 -19.09
N TYR A 594 23.50 3.47 -18.62
CA TYR A 594 24.86 3.55 -19.15
C TYR A 594 24.88 3.19 -20.63
N GLN A 595 24.16 2.15 -21.03
CA GLN A 595 24.09 1.79 -22.44
C GLN A 595 23.46 2.90 -23.27
N GLU A 596 22.38 3.48 -22.77
CA GLU A 596 21.74 4.58 -23.49
C GLU A 596 22.65 5.80 -23.58
N TYR A 597 23.48 6.03 -22.56
CA TYR A 597 24.43 7.13 -22.60
C TYR A 597 25.53 6.88 -23.62
N LYS A 598 26.01 5.63 -23.72
CA LYS A 598 26.92 5.28 -24.81
C LYS A 598 26.27 5.48 -26.17
N THR A 599 24.98 5.21 -26.29
CA THR A 599 24.29 5.50 -27.54
C THR A 599 24.29 6.99 -27.83
N ARG A 600 24.12 7.81 -26.80
CA ARG A 600 24.11 9.26 -26.94
C ARG A 600 25.50 9.89 -26.77
N ASP A 601 26.54 9.07 -26.63
CA ASP A 601 27.91 9.56 -26.42
C ASP A 601 28.03 10.36 -25.13
N ILE A 602 27.47 9.82 -24.04
CA ILE A 602 27.56 10.42 -22.73
C ILE A 602 28.27 9.44 -21.80
N GLN A 603 29.19 9.95 -21.00
CA GLN A 603 29.96 9.13 -20.06
C GLN A 603 29.25 9.08 -18.71
N LEU A 604 29.12 7.89 -18.16
CA LEU A 604 28.53 7.70 -16.84
C LEU A 604 29.63 7.42 -15.83
N ALA A 605 29.57 8.11 -14.69
CA ALA A 605 30.55 7.94 -13.62
C ALA A 605 29.82 7.79 -12.30
N ILE A 606 30.44 7.06 -11.37
CA ILE A 606 29.95 6.89 -10.02
C ILE A 606 30.95 7.52 -9.07
N SER A 607 30.46 8.39 -8.19
CA SER A 607 31.34 9.26 -7.40
C SER A 607 31.61 8.70 -6.00
N ASN A 608 30.58 8.50 -5.19
CA ASN A 608 30.74 8.10 -3.79
C ASN A 608 29.92 6.85 -3.52
N PRO A 609 30.39 5.69 -3.97
CA PRO A 609 29.62 4.46 -3.72
C PRO A 609 29.74 4.05 -2.26
N ASN A 610 28.60 3.73 -1.66
CA ASN A 610 28.58 3.14 -0.34
C ASN A 610 29.17 1.74 -0.39
N LYS A 611 29.65 1.26 0.75
CA LYS A 611 30.29 -0.06 0.78
C LYS A 611 29.33 -1.15 0.34
N ASP A 612 28.11 -1.15 0.87
CA ASP A 612 27.10 -2.09 0.40
C ASP A 612 26.73 -1.82 -1.04
N VAL A 613 26.60 -0.54 -1.40
CA VAL A 613 26.29 -0.17 -2.78
C VAL A 613 27.41 -0.62 -3.71
N HIS A 614 28.67 -0.39 -3.32
CA HIS A 614 29.78 -0.82 -4.15
C HIS A 614 29.80 -2.33 -4.30
N LEU A 615 29.52 -3.07 -3.21
CA LEU A 615 29.50 -4.52 -3.29
C LEU A 615 28.41 -5.00 -4.25
N THR A 616 27.22 -4.40 -4.16
CA THR A 616 26.13 -4.79 -5.06
C THR A 616 26.49 -4.47 -6.51
N ILE A 617 27.10 -3.30 -6.75
CA ILE A 617 27.49 -2.92 -8.11
C ILE A 617 28.52 -3.90 -8.66
N ALA A 618 29.51 -4.27 -7.84
CA ALA A 618 30.51 -5.22 -8.29
C ALA A 618 29.91 -6.60 -8.57
N ARG A 619 28.96 -7.02 -7.74
CA ARG A 619 28.32 -8.32 -7.96
C ARG A 619 27.49 -8.32 -9.23
N SER A 620 26.79 -7.23 -9.52
CA SER A 620 25.94 -7.19 -10.71
C SER A 620 26.74 -7.10 -12.00
N GLY A 621 28.05 -6.91 -11.93
CA GLY A 621 28.86 -6.79 -13.12
C GLY A 621 28.90 -5.41 -13.74
N MET A 622 28.38 -4.39 -13.06
CA MET A 622 28.38 -3.04 -13.62
C MET A 622 29.79 -2.46 -13.69
N VAL A 623 30.67 -2.82 -12.75
CA VAL A 623 32.03 -2.29 -12.75
C VAL A 623 32.76 -2.70 -14.02
N GLU A 624 32.62 -3.97 -14.41
CA GLU A 624 33.26 -4.44 -15.64
C GLU A 624 32.63 -3.82 -16.87
N LEU A 625 31.32 -3.55 -16.82
CA LEU A 625 30.63 -3.00 -17.98
C LEU A 625 31.05 -1.55 -18.23
N VAL A 626 31.06 -0.72 -17.18
CA VAL A 626 31.36 0.69 -17.35
C VAL A 626 32.83 1.01 -17.18
N GLY A 627 33.61 0.11 -16.62
CA GLY A 627 35.03 0.36 -16.43
C GLY A 627 35.36 0.77 -15.01
N LYS A 628 36.45 0.23 -14.47
CA LYS A 628 36.84 0.56 -13.10
C LYS A 628 37.37 1.98 -13.00
N GLU A 629 37.88 2.54 -14.10
CA GLU A 629 38.46 3.87 -14.08
C GLU A 629 37.43 4.97 -13.85
N TRP A 630 36.14 4.66 -13.96
CA TRP A 630 35.09 5.65 -13.76
C TRP A 630 34.46 5.59 -12.38
N PHE A 631 35.06 4.83 -11.46
CA PHE A 631 34.60 4.76 -10.07
C PHE A 631 35.58 5.50 -9.19
N PHE A 632 35.07 6.40 -8.36
CA PHE A 632 35.92 7.23 -7.52
C PHE A 632 35.48 7.19 -6.05
N VAL A 633 36.08 8.03 -5.23
CA VAL A 633 35.68 8.17 -3.82
C VAL A 633 35.23 9.58 -3.49
N ARG A 634 35.43 10.55 -4.38
CA ARG A 634 35.04 11.93 -4.15
C ARG A 634 34.52 12.52 -5.46
N VAL A 635 33.86 13.67 -5.35
CA VAL A 635 33.42 14.36 -6.56
C VAL A 635 34.55 15.18 -7.16
N HIS A 636 35.49 15.64 -6.33
CA HIS A 636 36.54 16.53 -6.81
C HIS A 636 37.39 15.85 -7.87
N ASP A 637 37.90 14.66 -7.57
CA ASP A 637 38.74 13.95 -8.54
C ASP A 637 37.94 13.49 -9.75
N ALA A 638 36.68 13.12 -9.56
CA ALA A 638 35.84 12.74 -10.70
C ALA A 638 35.69 13.89 -11.68
N VAL A 639 35.36 15.08 -11.19
CA VAL A 639 35.24 16.23 -12.07
C VAL A 639 36.59 16.62 -12.65
N GLN A 640 37.65 16.48 -11.87
CA GLN A 640 38.99 16.81 -12.37
C GLN A 640 39.38 15.93 -13.54
N VAL A 641 39.10 14.63 -13.46
CA VAL A 641 39.41 13.75 -14.58
C VAL A 641 38.41 13.89 -15.72
N CYS A 642 37.19 14.35 -15.43
CA CYS A 642 36.23 14.60 -16.51
C CYS A 642 36.63 15.82 -17.33
N LEU A 643 37.14 16.86 -16.69
CA LEU A 643 37.62 18.03 -17.45
C LEU A 643 38.80 17.66 -18.33
N GLN A 644 39.72 16.85 -17.82
CA GLN A 644 40.90 16.45 -18.59
C GLN A 644 40.54 15.41 -19.64
N MET B 70 -7.84 28.97 -30.14
CA MET B 70 -7.08 27.76 -30.41
C MET B 70 -6.96 27.51 -31.91
N ARG B 71 -5.74 27.66 -32.43
CA ARG B 71 -5.50 27.46 -33.84
C ARG B 71 -5.47 25.98 -34.20
N LEU B 72 -5.61 25.70 -35.49
CA LEU B 72 -5.65 24.32 -35.96
C LEU B 72 -4.31 23.62 -35.75
N VAL B 73 -3.20 24.34 -35.89
CA VAL B 73 -1.88 23.72 -35.77
C VAL B 73 -1.66 23.16 -34.38
N ASP B 74 -2.22 23.79 -33.35
CA ASP B 74 -2.09 23.30 -31.99
C ASP B 74 -3.19 22.31 -31.62
N TRP B 75 -4.43 22.59 -32.04
CA TRP B 75 -5.56 21.71 -31.72
C TRP B 75 -5.37 20.33 -32.34
N ILE B 76 -4.94 20.29 -33.61
CA ILE B 76 -4.76 19.02 -34.31
C ILE B 76 -3.66 18.21 -33.63
N ASP B 77 -2.55 18.85 -33.29
CA ASP B 77 -1.47 18.15 -32.60
C ASP B 77 -1.90 17.68 -31.22
N THR B 78 -2.74 18.45 -30.54
CA THR B 78 -3.21 18.04 -29.22
C THR B 78 -4.12 16.81 -29.31
N LEU B 79 -5.04 16.80 -30.26
CA LEU B 79 -5.99 15.69 -30.35
C LEU B 79 -5.41 14.48 -31.07
N PHE B 80 -4.52 14.70 -32.05
CA PHE B 80 -3.99 13.62 -32.88
C PHE B 80 -2.47 13.58 -32.74
N PRO B 81 -1.95 12.77 -31.82
CA PRO B 81 -0.49 12.67 -31.68
C PRO B 81 0.21 12.09 -32.90
N CYS B 82 -0.52 11.43 -33.80
CA CYS B 82 0.10 10.83 -34.97
C CYS B 82 0.84 11.89 -35.80
N PHE B 83 0.28 13.09 -35.87
CA PHE B 83 0.92 14.15 -36.66
C PHE B 83 2.30 14.49 -36.15
N ARG B 84 2.62 14.13 -34.91
CA ARG B 84 3.98 14.34 -34.40
C ARG B 84 5.03 13.69 -35.30
N TRP B 85 4.68 12.58 -35.97
CA TRP B 85 5.58 12.00 -36.94
C TRP B 85 5.15 12.26 -38.39
N ILE B 86 3.97 12.84 -38.61
CA ILE B 86 3.57 13.15 -39.97
C ILE B 86 4.33 14.36 -40.50
N ARG B 87 4.47 15.40 -39.69
CA ARG B 87 5.16 16.61 -40.13
C ARG B 87 6.63 16.34 -40.40
N THR B 88 7.29 15.63 -39.49
CA THR B 88 8.70 15.30 -39.65
C THR B 88 8.82 13.90 -40.25
N TYR B 89 8.52 13.81 -41.55
CA TYR B 89 8.47 12.55 -42.26
C TYR B 89 9.39 12.64 -43.48
N ARG B 90 10.49 11.90 -43.45
CA ARG B 90 11.44 11.85 -44.56
C ARG B 90 11.01 10.71 -45.46
N TRP B 91 10.35 11.04 -46.57
CA TRP B 91 9.64 10.05 -47.37
C TRP B 91 10.55 8.93 -47.85
N SER B 92 11.74 9.29 -48.36
CA SER B 92 12.55 8.35 -49.13
C SER B 92 12.88 7.10 -48.35
N GLU B 93 13.41 7.24 -47.14
CA GLU B 93 13.79 6.07 -46.36
C GLU B 93 12.69 5.62 -45.41
N TYR B 94 11.95 6.58 -44.85
CA TYR B 94 10.93 6.22 -43.88
C TYR B 94 9.82 5.39 -44.52
N PHE B 95 9.44 5.71 -45.77
CA PHE B 95 8.35 4.95 -46.39
C PHE B 95 8.76 3.50 -46.59
N LYS B 96 9.95 3.26 -47.14
CA LYS B 96 10.36 1.88 -47.39
C LYS B 96 10.52 1.12 -46.08
N LEU B 97 11.13 1.76 -45.07
CA LEU B 97 11.31 1.08 -43.78
C LEU B 97 9.96 0.77 -43.13
N ASP B 98 9.03 1.72 -43.16
CA ASP B 98 7.73 1.50 -42.56
C ASP B 98 6.95 0.41 -43.31
N LEU B 99 7.02 0.40 -44.64
CA LEU B 99 6.32 -0.61 -45.41
C LEU B 99 6.87 -2.00 -45.09
N MET B 100 8.19 -2.14 -45.07
CA MET B 100 8.78 -3.44 -44.76
C MET B 100 8.42 -3.87 -43.34
N ALA B 101 8.51 -2.96 -42.37
CA ALA B 101 8.19 -3.30 -40.99
C ALA B 101 6.72 -3.69 -40.84
N GLY B 102 5.83 -2.96 -41.51
CA GLY B 102 4.42 -3.29 -41.43
C GLY B 102 4.10 -4.64 -42.03
N ILE B 103 4.67 -4.94 -43.20
CA ILE B 103 4.45 -6.24 -43.82
C ILE B 103 4.97 -7.35 -42.91
N THR B 104 6.16 -7.17 -42.36
CA THR B 104 6.75 -8.17 -41.48
C THR B 104 5.90 -8.40 -40.25
N VAL B 105 5.44 -7.32 -39.62
CA VAL B 105 4.64 -7.46 -38.40
C VAL B 105 3.29 -8.09 -38.71
N GLY B 106 2.66 -7.71 -39.83
CA GLY B 106 1.40 -8.33 -40.18
C GLY B 106 1.51 -9.82 -40.45
N ILE B 107 2.58 -10.22 -41.15
CA ILE B 107 2.82 -11.63 -41.40
C ILE B 107 3.03 -12.38 -40.09
N MET B 108 3.80 -11.79 -39.18
CA MET B 108 3.99 -12.44 -37.87
C MET B 108 2.71 -12.43 -37.05
N LEU B 109 1.81 -11.47 -37.31
CA LEU B 109 0.68 -11.23 -36.41
C LEU B 109 -0.53 -12.09 -36.74
N VAL B 110 -0.84 -12.28 -38.02
CA VAL B 110 -2.08 -12.96 -38.40
C VAL B 110 -2.15 -14.34 -37.74
N PRO B 111 -1.17 -15.24 -37.92
CA PRO B 111 -1.25 -16.53 -37.23
C PRO B 111 -1.20 -16.39 -35.72
N GLN B 112 -0.40 -15.45 -35.21
CA GLN B 112 -0.36 -15.23 -33.76
C GLN B 112 -1.69 -14.71 -33.25
N ALA B 113 -2.36 -13.85 -34.02
CA ALA B 113 -3.67 -13.35 -33.62
C ALA B 113 -4.68 -14.48 -33.52
N MET B 114 -4.72 -15.36 -34.53
CA MET B 114 -5.65 -16.48 -34.45
C MET B 114 -5.31 -17.43 -33.30
N SER B 115 -4.02 -17.68 -33.09
CA SER B 115 -3.61 -18.58 -32.01
C SER B 115 -3.98 -18.02 -30.64
N TYR B 116 -3.77 -16.72 -30.43
CA TYR B 116 -4.13 -16.10 -29.17
C TYR B 116 -5.63 -16.04 -28.97
N ALA B 117 -6.40 -15.83 -30.04
CA ALA B 117 -7.85 -15.89 -29.92
C ALA B 117 -8.29 -17.29 -29.51
N LYS B 118 -7.68 -18.32 -30.07
CA LYS B 118 -7.97 -19.68 -29.64
C LYS B 118 -7.60 -19.89 -28.18
N LEU B 119 -6.50 -19.29 -27.73
CA LEU B 119 -6.09 -19.42 -26.33
C LEU B 119 -7.11 -18.80 -25.39
N ALA B 120 -7.69 -17.66 -25.77
CA ALA B 120 -8.65 -16.98 -24.91
C ALA B 120 -10.00 -17.68 -24.83
N GLY B 121 -10.22 -18.71 -25.64
CA GLY B 121 -11.50 -19.39 -25.68
C GLY B 121 -12.45 -18.89 -26.74
N LEU B 122 -12.15 -17.77 -27.38
CA LEU B 122 -12.96 -17.26 -28.47
C LEU B 122 -12.62 -17.99 -29.77
N PRO B 123 -13.53 -17.97 -30.75
CA PRO B 123 -13.19 -18.49 -32.06
C PRO B 123 -12.06 -17.69 -32.68
N PRO B 124 -11.26 -18.32 -33.56
CA PRO B 124 -10.03 -17.65 -34.03
C PRO B 124 -10.26 -16.32 -34.71
N ILE B 125 -11.38 -16.14 -35.40
CA ILE B 125 -11.58 -14.91 -36.17
C ILE B 125 -11.53 -13.68 -35.27
N TYR B 126 -11.97 -13.82 -34.01
CA TYR B 126 -12.00 -12.67 -33.12
C TYR B 126 -10.61 -12.18 -32.75
N GLY B 127 -9.57 -12.97 -33.03
CA GLY B 127 -8.23 -12.42 -32.95
C GLY B 127 -7.96 -11.38 -34.02
N LEU B 128 -8.35 -11.68 -35.26
CA LEU B 128 -8.11 -10.76 -36.36
C LEU B 128 -8.84 -9.45 -36.14
N TYR B 129 -10.09 -9.51 -35.68
CA TYR B 129 -10.81 -8.30 -35.29
C TYR B 129 -10.00 -7.51 -34.28
N SER B 130 -9.45 -8.20 -33.27
CA SER B 130 -8.66 -7.54 -32.24
C SER B 130 -7.38 -6.94 -32.78
N SER B 131 -6.99 -7.28 -34.00
CA SER B 131 -5.85 -6.64 -34.64
C SER B 131 -6.25 -5.64 -35.71
N PHE B 132 -7.52 -5.60 -36.10
CA PHE B 132 -7.91 -4.76 -37.23
C PHE B 132 -8.19 -3.31 -36.80
N VAL B 133 -9.23 -3.11 -36.02
CA VAL B 133 -9.73 -1.76 -35.74
C VAL B 133 -8.85 -1.04 -34.72
N PRO B 134 -8.48 -1.65 -33.58
CA PRO B 134 -7.64 -0.91 -32.64
C PRO B 134 -6.33 -0.43 -33.24
N VAL B 135 -5.71 -1.23 -34.12
CA VAL B 135 -4.43 -0.82 -34.71
C VAL B 135 -4.59 0.49 -35.47
N PHE B 136 -5.57 0.54 -36.38
CA PHE B 136 -5.85 1.81 -37.07
C PHE B 136 -6.12 2.93 -36.08
N VAL B 137 -6.79 2.63 -34.97
CA VAL B 137 -7.02 3.66 -33.97
C VAL B 137 -5.71 4.03 -33.28
N TYR B 138 -4.90 3.03 -32.91
CA TYR B 138 -3.68 3.33 -32.17
C TYR B 138 -2.74 4.18 -32.99
N ALA B 139 -2.58 3.86 -34.27
CA ALA B 139 -1.70 4.63 -35.14
C ALA B 139 -2.12 6.09 -35.22
N ILE B 140 -3.38 6.39 -34.90
CA ILE B 140 -3.81 7.79 -34.86
C ILE B 140 -3.67 8.37 -33.46
N PHE B 141 -3.85 7.57 -32.41
CA PHE B 141 -3.91 8.08 -31.05
C PHE B 141 -2.77 7.57 -30.17
N GLY B 142 -1.81 6.86 -30.73
CA GLY B 142 -0.70 6.30 -29.97
C GLY B 142 0.54 7.17 -30.03
N SER B 143 1.24 7.26 -28.90
CA SER B 143 2.46 8.04 -28.84
C SER B 143 3.68 7.27 -29.32
N SER B 144 3.72 5.96 -29.10
CA SER B 144 4.87 5.17 -29.52
C SER B 144 4.87 4.99 -31.04
N ARG B 145 6.07 4.96 -31.62
CA ARG B 145 6.22 4.79 -33.06
C ARG B 145 6.67 3.40 -33.46
N GLN B 146 7.05 2.55 -32.50
CA GLN B 146 7.43 1.18 -32.80
C GLN B 146 6.57 0.14 -32.09
N LEU B 147 5.69 0.55 -31.18
CA LEU B 147 4.87 -0.42 -30.45
C LEU B 147 3.86 -1.07 -31.37
N ALA B 148 3.68 -2.38 -31.22
CA ALA B 148 2.72 -3.15 -32.00
C ALA B 148 1.56 -3.53 -31.10
N ILE B 149 0.34 -3.23 -31.55
CA ILE B 149 -0.87 -3.39 -30.75
C ILE B 149 -1.66 -4.57 -31.28
N GLY B 150 -2.10 -5.44 -30.38
CA GLY B 150 -2.86 -6.60 -30.75
C GLY B 150 -2.98 -7.59 -29.62
N PRO B 151 -3.47 -8.80 -29.91
CA PRO B 151 -3.53 -9.83 -28.88
C PRO B 151 -2.15 -10.19 -28.35
N VAL B 152 -2.08 -10.46 -27.06
CA VAL B 152 -0.86 -10.94 -26.42
C VAL B 152 -1.22 -12.15 -25.57
N ALA B 153 -0.18 -12.91 -25.20
CA ALA B 153 -0.42 -14.16 -24.48
C ALA B 153 -1.03 -13.91 -23.10
N LEU B 154 -0.51 -12.92 -22.37
CA LEU B 154 -0.94 -12.72 -20.99
C LEU B 154 -2.37 -12.19 -20.92
N VAL B 155 -2.69 -11.18 -21.75
CA VAL B 155 -4.03 -10.64 -21.73
C VAL B 155 -5.04 -11.67 -22.21
N SER B 156 -4.66 -12.48 -23.20
CA SER B 156 -5.54 -13.56 -23.63
C SER B 156 -5.77 -14.57 -22.52
N LEU B 157 -4.73 -14.90 -21.77
CA LEU B 157 -4.89 -15.80 -20.63
C LEU B 157 -5.82 -15.23 -19.57
N LEU B 158 -5.67 -13.93 -19.27
CA LEU B 158 -6.54 -13.31 -18.27
C LEU B 158 -7.99 -13.26 -18.75
N VAL B 159 -8.19 -12.95 -20.03
CA VAL B 159 -9.54 -12.94 -20.59
C VAL B 159 -10.16 -14.32 -20.51
N SER B 160 -9.39 -15.35 -20.87
CA SER B 160 -9.89 -16.71 -20.75
C SER B 160 -10.22 -17.06 -19.31
N ASN B 161 -9.39 -16.63 -18.37
CA ASN B 161 -9.64 -16.91 -16.96
C ASN B 161 -10.96 -16.30 -16.52
N ALA B 162 -11.19 -15.03 -16.84
CA ALA B 162 -12.42 -14.36 -16.45
C ALA B 162 -13.64 -15.01 -17.11
N LEU B 163 -13.56 -15.26 -18.41
CA LEU B 163 -14.71 -15.81 -19.12
C LEU B 163 -15.07 -17.20 -18.59
N GLY B 164 -14.06 -18.06 -18.39
CA GLY B 164 -14.32 -19.37 -17.83
C GLY B 164 -14.85 -19.31 -16.42
N GLY B 165 -14.41 -18.33 -15.64
CA GLY B 165 -15.02 -18.11 -14.34
C GLY B 165 -16.45 -17.66 -14.40
N ILE B 166 -16.86 -17.05 -15.52
CA ILE B 166 -18.24 -16.61 -15.66
C ILE B 166 -19.04 -17.60 -16.52
N ALA B 167 -18.63 -17.77 -17.77
CA ALA B 167 -19.38 -18.59 -18.73
C ALA B 167 -18.62 -19.89 -19.00
N ASP B 168 -19.37 -21.00 -19.09
CA ASP B 168 -18.75 -22.31 -19.22
C ASP B 168 -18.62 -22.75 -20.68
N THR B 169 -19.75 -22.90 -21.39
CA THR B 169 -19.72 -23.42 -22.75
C THR B 169 -20.72 -22.70 -23.66
N ASN B 170 -21.08 -21.45 -23.32
CA ASN B 170 -22.06 -20.74 -24.13
C ASN B 170 -21.56 -20.50 -25.55
N GLU B 171 -20.28 -20.08 -25.68
CA GLU B 171 -19.64 -19.80 -26.97
C GLU B 171 -20.26 -18.57 -27.62
N GLU B 172 -21.32 -18.04 -27.02
CA GLU B 172 -21.96 -16.81 -27.46
C GLU B 172 -21.92 -15.73 -26.41
N LEU B 173 -22.09 -16.09 -25.13
CA LEU B 173 -21.86 -15.13 -24.06
C LEU B 173 -20.36 -14.83 -23.91
N HIS B 174 -19.49 -15.76 -24.32
CA HIS B 174 -18.06 -15.51 -24.27
C HIS B 174 -17.67 -14.30 -25.11
N ILE B 175 -18.24 -14.20 -26.32
CA ILE B 175 -17.88 -13.11 -27.22
C ILE B 175 -18.32 -11.77 -26.65
N GLU B 176 -19.57 -11.69 -26.19
CA GLU B 176 -20.07 -10.44 -25.62
C GLU B 176 -19.31 -10.07 -24.37
N LEU B 177 -18.96 -11.06 -23.54
CA LEU B 177 -18.19 -10.79 -22.34
C LEU B 177 -16.81 -10.27 -22.67
N ALA B 178 -16.16 -10.84 -23.69
CA ALA B 178 -14.84 -10.36 -24.09
C ALA B 178 -14.90 -8.93 -24.63
N ILE B 179 -15.92 -8.63 -25.44
CA ILE B 179 -16.06 -7.28 -25.99
C ILE B 179 -16.34 -6.28 -24.87
N LEU B 180 -17.21 -6.64 -23.93
CA LEU B 180 -17.47 -5.76 -22.79
C LEU B 180 -16.21 -5.58 -21.94
N LEU B 181 -15.42 -6.65 -21.78
CA LEU B 181 -14.17 -6.53 -21.04
C LEU B 181 -13.22 -5.57 -21.74
N ALA B 182 -13.17 -5.61 -23.06
CA ALA B 182 -12.33 -4.67 -23.79
C ALA B 182 -12.81 -3.23 -23.59
N LEU B 183 -14.13 -3.02 -23.62
CA LEU B 183 -14.67 -1.68 -23.39
C LEU B 183 -14.33 -1.17 -22.00
N LEU B 184 -14.49 -2.03 -20.99
CA LEU B 184 -14.18 -1.63 -19.62
C LEU B 184 -12.69 -1.34 -19.46
N VAL B 185 -11.84 -2.15 -20.08
CA VAL B 185 -10.40 -1.91 -20.02
C VAL B 185 -10.06 -0.58 -20.67
N GLY B 186 -10.68 -0.29 -21.82
CA GLY B 186 -10.41 0.98 -22.48
C GLY B 186 -10.86 2.16 -21.65
N ILE B 187 -12.03 2.06 -21.01
CA ILE B 187 -12.51 3.15 -20.17
C ILE B 187 -11.58 3.35 -18.97
N LEU B 188 -11.16 2.27 -18.33
CA LEU B 188 -10.26 2.40 -17.19
C LEU B 188 -8.92 2.99 -17.60
N GLU B 189 -8.39 2.58 -18.77
CA GLU B 189 -7.13 3.13 -19.25
C GLU B 189 -7.26 4.61 -19.57
N CYS B 190 -8.36 5.02 -20.21
CA CYS B 190 -8.56 6.44 -20.49
C CYS B 190 -8.68 7.25 -19.21
N ILE B 191 -9.36 6.70 -18.20
CA ILE B 191 -9.48 7.41 -16.93
C ILE B 191 -8.12 7.55 -16.26
N MET B 192 -7.34 6.46 -16.24
CA MET B 192 -6.03 6.51 -15.60
C MET B 192 -5.01 7.31 -16.38
N GLY B 193 -5.26 7.54 -17.67
CA GLY B 193 -4.37 8.37 -18.46
C GLY B 193 -4.72 9.85 -18.36
N LEU B 194 -6.02 10.16 -18.32
CA LEU B 194 -6.43 11.55 -18.15
C LEU B 194 -6.08 12.07 -16.76
N LEU B 195 -6.30 11.26 -15.73
CA LEU B 195 -6.00 11.65 -14.36
C LEU B 195 -4.53 11.47 -14.00
N ARG B 196 -3.72 10.90 -14.90
CA ARG B 196 -2.30 10.68 -14.66
C ARG B 196 -2.06 9.90 -13.38
N LEU B 197 -2.86 8.84 -13.18
CA LEU B 197 -2.76 8.00 -12.00
C LEU B 197 -1.95 6.73 -12.25
N GLY B 198 -1.11 6.73 -13.28
CA GLY B 198 -0.31 5.54 -13.57
C GLY B 198 0.75 5.24 -12.54
N TRP B 199 1.20 6.25 -11.80
CA TRP B 199 2.25 6.04 -10.80
C TRP B 199 1.78 5.21 -9.62
N LEU B 200 0.45 5.04 -9.45
CA LEU B 200 -0.06 4.24 -8.35
C LEU B 200 0.22 2.75 -8.51
N ILE B 201 0.62 2.31 -9.69
CA ILE B 201 0.85 0.90 -9.95
C ILE B 201 2.33 0.58 -10.12
N ARG B 202 3.13 1.53 -10.60
CA ARG B 202 4.54 1.27 -10.93
C ARG B 202 5.41 1.03 -9.71
N PHE B 203 4.84 0.95 -8.50
CA PHE B 203 5.62 0.56 -7.34
C PHE B 203 5.87 -0.94 -7.28
N ILE B 204 5.21 -1.72 -8.12
CA ILE B 204 5.36 -3.18 -8.09
C ILE B 204 6.73 -3.54 -8.65
N SER B 205 7.46 -4.37 -7.90
CA SER B 205 8.82 -4.73 -8.29
C SER B 205 8.82 -5.54 -9.57
N HIS B 206 9.92 -5.42 -10.32
CA HIS B 206 10.03 -6.17 -11.57
C HIS B 206 10.16 -7.67 -11.32
N SER B 207 10.69 -8.07 -10.16
CA SER B 207 10.79 -9.49 -9.84
C SER B 207 9.42 -10.12 -9.72
N VAL B 208 8.47 -9.41 -9.10
CA VAL B 208 7.12 -9.93 -8.96
C VAL B 208 6.48 -10.12 -10.32
N ILE B 209 6.62 -9.11 -11.19
CA ILE B 209 6.05 -9.20 -12.53
C ILE B 209 6.68 -10.33 -13.32
N SER B 210 8.01 -10.49 -13.21
CA SER B 210 8.70 -11.54 -13.93
C SER B 210 8.26 -12.92 -13.46
N GLY B 211 8.12 -13.11 -12.15
CA GLY B 211 7.67 -14.39 -11.63
C GLY B 211 6.24 -14.70 -12.05
N PHE B 212 5.36 -13.70 -11.97
CA PHE B 212 3.98 -13.90 -12.40
C PHE B 212 3.92 -14.25 -13.89
N THR B 213 4.71 -13.57 -14.70
CA THR B 213 4.72 -13.84 -16.14
C THR B 213 5.27 -15.23 -16.44
N SER B 214 6.32 -15.66 -15.73
CA SER B 214 6.84 -17.00 -15.95
C SER B 214 5.82 -18.07 -15.58
N ALA B 215 5.15 -17.91 -14.44
CA ALA B 215 4.12 -18.86 -14.05
C ALA B 215 2.97 -18.87 -15.05
N SER B 216 2.59 -17.69 -15.54
CA SER B 216 1.53 -17.62 -16.54
C SER B 216 1.96 -18.31 -17.83
N ALA B 217 3.22 -18.19 -18.22
CA ALA B 217 3.71 -18.87 -19.42
C ALA B 217 3.65 -20.38 -19.26
N ILE B 218 4.05 -20.89 -18.09
CA ILE B 218 3.96 -22.33 -17.87
C ILE B 218 2.51 -22.79 -17.90
N VAL B 219 1.61 -22.02 -17.28
CA VAL B 219 0.19 -22.37 -17.29
C VAL B 219 -0.36 -22.37 -18.71
N ILE B 220 0.04 -21.39 -19.52
CA ILE B 220 -0.43 -21.31 -20.91
C ILE B 220 0.05 -22.53 -21.70
N GLY B 221 1.32 -22.90 -21.54
CA GLY B 221 1.82 -24.07 -22.23
C GLY B 221 1.11 -25.35 -21.83
N LEU B 222 0.90 -25.52 -20.52
CA LEU B 222 0.22 -26.72 -20.05
C LEU B 222 -1.26 -26.73 -20.43
N SER B 223 -1.86 -25.56 -20.66
CA SER B 223 -3.22 -25.54 -21.16
C SER B 223 -3.27 -25.87 -22.64
N GLN B 224 -2.28 -25.43 -23.40
CA GLN B 224 -2.26 -25.67 -24.83
C GLN B 224 -1.77 -27.06 -25.22
N ILE B 225 -1.15 -27.80 -24.29
CA ILE B 225 -0.72 -29.16 -24.61
C ILE B 225 -1.91 -30.06 -24.90
N LYS B 226 -3.13 -29.65 -24.53
CA LYS B 226 -4.29 -30.50 -24.75
C LYS B 226 -4.57 -30.71 -26.24
N TYR B 227 -4.22 -29.73 -27.08
CA TYR B 227 -4.38 -29.92 -28.52
C TYR B 227 -3.37 -30.93 -29.05
N PHE B 228 -2.15 -30.94 -28.49
CA PHE B 228 -1.18 -31.96 -28.85
C PHE B 228 -1.67 -33.34 -28.43
N LEU B 229 -2.22 -33.45 -27.22
CA LEU B 229 -2.68 -34.74 -26.72
C LEU B 229 -3.83 -35.29 -27.57
N GLY B 230 -4.77 -34.42 -27.96
CA GLY B 230 -5.89 -34.81 -28.78
C GLY B 230 -7.20 -35.01 -28.04
N TYR B 231 -7.20 -34.92 -26.70
CA TYR B 231 -8.41 -35.05 -25.92
C TYR B 231 -8.56 -33.84 -25.00
N SER B 232 -9.81 -33.48 -24.74
CA SER B 232 -10.08 -32.34 -23.87
C SER B 232 -9.64 -32.62 -22.45
N ILE B 233 -9.04 -31.63 -21.82
CA ILE B 233 -8.55 -31.74 -20.45
C ILE B 233 -9.35 -30.77 -19.58
N ALA B 234 -9.26 -30.97 -18.26
CA ALA B 234 -9.96 -30.09 -17.34
C ALA B 234 -9.42 -28.68 -17.45
N ARG B 235 -10.33 -27.71 -17.53
CA ARG B 235 -9.99 -26.32 -17.71
C ARG B 235 -9.75 -25.68 -16.34
N SER B 236 -8.51 -25.27 -16.08
CA SER B 236 -8.18 -24.60 -14.83
C SER B 236 -6.90 -23.82 -15.01
N SER B 237 -6.66 -22.89 -14.08
CA SER B 237 -5.47 -22.07 -14.07
C SER B 237 -4.41 -22.57 -13.10
N LYS B 238 -4.60 -23.76 -12.53
CA LYS B 238 -3.67 -24.35 -11.59
C LYS B 238 -3.03 -25.59 -12.20
N ILE B 239 -1.78 -25.85 -11.84
CA ILE B 239 -1.03 -26.94 -12.46
C ILE B 239 -1.56 -28.30 -12.03
N VAL B 240 -1.91 -28.44 -10.75
CA VAL B 240 -2.31 -29.75 -10.23
C VAL B 240 -3.56 -30.29 -10.92
N PRO B 241 -4.67 -29.55 -11.03
CA PRO B 241 -5.82 -30.10 -11.78
C PRO B 241 -5.51 -30.38 -13.23
N ILE B 242 -4.67 -29.57 -13.88
CA ILE B 242 -4.33 -29.80 -15.28
C ILE B 242 -3.60 -31.13 -15.43
N VAL B 243 -2.60 -31.36 -14.57
CA VAL B 243 -1.83 -32.60 -14.66
C VAL B 243 -2.70 -33.79 -14.31
N GLU B 244 -3.58 -33.64 -13.31
CA GLU B 244 -4.49 -34.71 -12.95
C GLU B 244 -5.40 -35.08 -14.12
N SER B 245 -5.94 -34.07 -14.80
CA SER B 245 -6.81 -34.34 -15.94
C SER B 245 -6.05 -35.00 -17.07
N ILE B 246 -4.81 -34.55 -17.32
CA ILE B 246 -4.01 -35.15 -18.38
C ILE B 246 -3.75 -36.63 -18.08
N ILE B 247 -3.39 -36.93 -16.83
CA ILE B 247 -3.17 -38.32 -16.43
C ILE B 247 -4.45 -39.13 -16.57
N ALA B 248 -5.59 -38.55 -16.17
CA ALA B 248 -6.86 -39.26 -16.25
C ALA B 248 -7.22 -39.59 -17.70
N GLY B 249 -7.01 -38.63 -18.60
CA GLY B 249 -7.36 -38.82 -19.99
C GLY B 249 -6.32 -39.48 -20.86
N ALA B 250 -5.13 -39.78 -20.32
CA ALA B 250 -4.08 -40.41 -21.09
C ALA B 250 -4.54 -41.64 -21.88
N ASP B 251 -5.66 -42.25 -21.50
CA ASP B 251 -6.20 -43.37 -22.26
C ASP B 251 -6.81 -42.95 -23.59
N LYS B 252 -6.99 -41.66 -23.83
CA LYS B 252 -7.54 -41.15 -25.08
C LYS B 252 -6.49 -40.47 -25.95
N PHE B 253 -5.24 -40.90 -25.83
CA PHE B 253 -4.15 -40.28 -26.57
C PHE B 253 -4.21 -40.62 -28.05
N GLN B 254 -3.87 -39.65 -28.89
CA GLN B 254 -3.78 -39.85 -30.33
C GLN B 254 -2.38 -39.47 -30.81
N TRP B 255 -1.84 -40.28 -31.72
CA TRP B 255 -0.50 -40.07 -32.25
C TRP B 255 -0.40 -38.97 -33.31
N PRO B 256 -1.31 -38.89 -34.28
CA PRO B 256 -1.15 -37.89 -35.37
C PRO B 256 -1.09 -36.46 -34.84
N PRO B 257 -2.05 -36.01 -34.01
CA PRO B 257 -1.96 -34.61 -33.57
C PRO B 257 -0.72 -34.33 -32.74
N PHE B 258 -0.30 -35.28 -31.90
CA PHE B 258 0.90 -35.06 -31.10
C PHE B 258 2.13 -34.96 -31.98
N VAL B 259 2.26 -35.83 -32.98
CA VAL B 259 3.40 -35.78 -33.88
C VAL B 259 3.42 -34.48 -34.66
N MET B 260 2.25 -34.08 -35.17
CA MET B 260 2.17 -32.83 -35.93
C MET B 260 2.56 -31.64 -35.06
N GLY B 261 2.03 -31.58 -33.84
CA GLY B 261 2.37 -30.48 -32.95
C GLY B 261 3.83 -30.46 -32.58
N SER B 262 4.40 -31.63 -32.28
CA SER B 262 5.81 -31.70 -31.92
C SER B 262 6.70 -31.25 -33.08
N LEU B 263 6.42 -31.71 -34.29
CA LEU B 263 7.23 -31.30 -35.44
C LEU B 263 7.09 -29.81 -35.71
N ILE B 264 5.87 -29.27 -35.63
CA ILE B 264 5.68 -27.86 -35.89
C ILE B 264 6.41 -27.02 -34.84
N LEU B 265 6.31 -27.42 -33.57
CA LEU B 265 6.99 -26.69 -32.51
C LEU B 265 8.50 -26.75 -32.67
N VAL B 266 9.03 -27.91 -33.04
CA VAL B 266 10.47 -28.05 -33.25
C VAL B 266 10.92 -27.14 -34.39
N ILE B 267 10.18 -27.13 -35.50
CA ILE B 267 10.55 -26.28 -36.63
C ILE B 267 10.50 -24.81 -36.23
N LEU B 268 9.46 -24.41 -35.51
CA LEU B 268 9.33 -23.02 -35.10
C LEU B 268 10.47 -22.60 -34.19
N GLN B 269 10.82 -23.46 -33.22
CA GLN B 269 11.89 -23.10 -32.29
C GLN B 269 13.25 -23.08 -32.99
N VAL B 270 13.47 -24.00 -33.93
CA VAL B 270 14.72 -24.00 -34.70
C VAL B 270 14.83 -22.72 -35.52
N MET B 271 13.73 -22.33 -36.19
CA MET B 271 13.74 -21.11 -36.97
C MET B 271 14.00 -19.89 -36.10
N LYS B 272 13.36 -19.82 -34.94
CA LYS B 272 13.54 -18.69 -34.04
C LYS B 272 14.98 -18.62 -33.55
N HIS B 273 15.56 -19.75 -33.16
CA HIS B 273 16.94 -19.76 -32.68
C HIS B 273 17.92 -19.38 -33.79
N VAL B 274 17.69 -19.86 -35.01
CA VAL B 274 18.57 -19.48 -36.12
C VAL B 274 18.46 -17.99 -36.39
N GLY B 275 17.23 -17.45 -36.38
CA GLY B 275 17.06 -16.03 -36.61
C GLY B 275 17.72 -15.17 -35.55
N LYS B 276 17.61 -15.58 -34.29
CA LYS B 276 18.22 -14.80 -33.22
C LYS B 276 19.74 -14.96 -33.19
N ALA B 277 20.25 -16.10 -33.66
CA ALA B 277 21.70 -16.32 -33.66
C ALA B 277 22.39 -15.44 -34.70
N LYS B 278 21.83 -15.35 -35.90
CA LYS B 278 22.41 -14.55 -36.97
C LYS B 278 21.93 -13.12 -36.88
N LYS B 279 22.73 -12.21 -37.44
CA LYS B 279 22.41 -10.79 -37.41
C LYS B 279 21.62 -10.33 -38.62
N GLU B 280 21.86 -10.94 -39.78
CA GLU B 280 21.17 -10.57 -41.01
C GLU B 280 19.96 -11.45 -41.31
N LEU B 281 20.03 -12.73 -40.94
CA LEU B 281 18.92 -13.66 -41.18
C LEU B 281 17.96 -13.68 -39.99
N GLN B 282 17.52 -12.51 -39.58
CA GLN B 282 16.67 -12.36 -38.40
C GLN B 282 15.19 -12.24 -38.73
N PHE B 283 14.83 -12.29 -40.01
CA PHE B 283 13.42 -12.23 -40.38
C PHE B 283 12.68 -13.53 -40.12
N LEU B 284 13.41 -14.64 -39.92
CA LEU B 284 12.77 -15.93 -39.69
C LEU B 284 11.88 -15.89 -38.45
N ARG B 285 12.26 -15.11 -37.44
CA ARG B 285 11.42 -14.98 -36.24
C ARG B 285 10.01 -14.52 -36.62
N ALA B 286 9.90 -13.63 -37.59
CA ALA B 286 8.58 -13.20 -38.05
C ALA B 286 7.92 -14.24 -38.94
N ALA B 287 8.71 -14.99 -39.70
CA ALA B 287 8.15 -15.98 -40.61
C ALA B 287 7.91 -17.33 -39.95
N ALA B 288 8.38 -17.52 -38.72
CA ALA B 288 8.20 -18.80 -38.05
C ALA B 288 6.74 -19.16 -37.81
N PRO B 289 5.89 -18.29 -37.21
CA PRO B 289 4.50 -18.69 -37.00
C PRO B 289 3.74 -19.00 -38.27
N LEU B 290 4.00 -18.24 -39.35
CA LEU B 290 3.31 -18.50 -40.60
C LEU B 290 3.78 -19.82 -41.22
N THR B 291 5.10 -20.00 -41.31
CA THR B 291 5.65 -21.15 -42.01
C THR B 291 5.10 -22.46 -41.44
N GLY B 292 5.04 -22.56 -40.11
CA GLY B 292 4.51 -23.76 -39.50
C GLY B 292 3.12 -24.09 -40.01
N ILE B 293 2.24 -23.09 -40.05
CA ILE B 293 0.92 -23.31 -40.62
C ILE B 293 1.04 -23.75 -42.08
N VAL B 294 1.85 -23.02 -42.86
CA VAL B 294 2.07 -23.39 -44.25
C VAL B 294 2.59 -24.82 -44.33
N LEU B 295 3.36 -25.23 -43.32
CA LEU B 295 3.76 -26.63 -43.25
C LEU B 295 2.57 -27.51 -42.87
N GLY B 296 1.94 -27.22 -41.73
CA GLY B 296 0.98 -28.16 -41.18
C GLY B 296 -0.19 -28.41 -42.12
N THR B 297 -0.78 -27.34 -42.64
CA THR B 297 -1.90 -27.47 -43.57
C THR B 297 -1.55 -28.39 -44.73
N THR B 298 -0.29 -28.31 -45.19
CA THR B 298 0.14 -29.15 -46.31
C THR B 298 -0.07 -30.63 -45.98
N ILE B 299 0.38 -31.06 -44.80
CA ILE B 299 0.15 -32.45 -44.41
C ILE B 299 -1.33 -32.71 -44.21
N ALA B 300 -2.08 -31.71 -43.73
CA ALA B 300 -3.52 -31.87 -43.61
C ALA B 300 -4.19 -32.00 -44.98
N LYS B 301 -3.51 -31.59 -46.05
CA LYS B 301 -4.08 -31.68 -47.40
C LYS B 301 -3.43 -32.76 -48.24
N VAL B 302 -2.56 -33.58 -47.65
CA VAL B 302 -1.91 -34.65 -48.40
C VAL B 302 -2.26 -36.01 -47.80
N PHE B 303 -1.91 -36.19 -46.53
CA PHE B 303 -2.14 -37.47 -45.85
C PHE B 303 -3.51 -37.55 -45.19
N HIS B 304 -4.09 -36.40 -44.81
CA HIS B 304 -5.39 -36.32 -44.16
C HIS B 304 -5.46 -37.23 -42.94
N PRO B 305 -4.73 -36.93 -41.87
CA PRO B 305 -4.82 -37.75 -40.65
C PRO B 305 -6.23 -37.70 -40.08
N PRO B 306 -6.71 -38.82 -39.52
CA PRO B 306 -8.10 -38.84 -39.06
C PRO B 306 -8.34 -38.08 -37.77
N SER B 307 -7.39 -38.10 -36.85
CA SER B 307 -7.60 -37.58 -35.50
C SER B 307 -7.24 -36.12 -35.34
N ILE B 308 -6.76 -35.46 -36.40
CA ILE B 308 -6.45 -34.04 -36.33
C ILE B 308 -7.74 -33.24 -36.47
N SER B 309 -7.73 -32.02 -35.92
CA SER B 309 -8.89 -31.15 -35.92
C SER B 309 -8.52 -29.83 -36.58
N LEU B 310 -9.43 -29.32 -37.41
CA LEU B 310 -9.26 -28.05 -38.10
C LEU B 310 -10.07 -26.96 -37.41
N VAL B 311 -9.72 -25.70 -37.70
CA VAL B 311 -10.40 -24.59 -37.06
C VAL B 311 -11.83 -24.44 -37.53
N GLY B 312 -12.19 -25.07 -38.65
CA GLY B 312 -13.54 -24.98 -39.16
C GLY B 312 -13.79 -23.71 -39.93
N GLU B 313 -15.05 -23.52 -40.30
CA GLU B 313 -15.45 -22.35 -41.08
C GLU B 313 -15.21 -21.07 -40.30
N ILE B 314 -14.68 -20.05 -40.98
CA ILE B 314 -14.37 -18.77 -40.38
C ILE B 314 -15.17 -17.71 -41.13
N PRO B 315 -15.92 -16.85 -40.45
CA PRO B 315 -16.70 -15.83 -41.16
C PRO B 315 -15.81 -14.86 -41.93
N GLN B 316 -16.32 -14.40 -43.06
CA GLN B 316 -15.58 -13.53 -43.97
C GLN B 316 -16.17 -12.12 -43.93
N GLY B 317 -15.29 -11.13 -43.85
CA GLY B 317 -15.72 -9.75 -43.88
C GLY B 317 -15.27 -8.94 -42.69
N LEU B 318 -15.24 -7.62 -42.84
CA LEU B 318 -14.85 -6.74 -41.75
C LEU B 318 -15.92 -6.74 -40.66
N PRO B 319 -15.52 -6.54 -39.40
CA PRO B 319 -16.50 -6.45 -38.33
C PRO B 319 -17.38 -5.22 -38.47
N THR B 320 -18.61 -5.32 -37.97
CA THR B 320 -19.59 -4.24 -38.04
C THR B 320 -19.75 -3.58 -36.68
N PHE B 321 -20.21 -2.33 -36.70
CA PHE B 321 -20.42 -1.58 -35.47
C PHE B 321 -21.55 -2.19 -34.66
N SER B 322 -21.30 -2.36 -33.35
CA SER B 322 -22.32 -2.91 -32.46
C SER B 322 -21.93 -2.57 -31.03
N PHE B 323 -22.83 -1.87 -30.33
CA PHE B 323 -22.60 -1.61 -28.91
C PHE B 323 -22.70 -2.91 -28.12
N PRO B 324 -21.98 -3.03 -27.01
CA PRO B 324 -22.12 -4.21 -26.16
C PRO B 324 -23.52 -4.32 -25.60
N ARG B 325 -23.99 -5.56 -25.43
CA ARG B 325 -25.33 -5.83 -24.95
C ARG B 325 -25.37 -6.57 -23.61
N SER B 326 -24.22 -6.86 -23.01
CA SER B 326 -24.16 -7.67 -21.80
C SER B 326 -23.62 -6.85 -20.62
N PHE B 327 -24.13 -5.63 -20.47
CA PHE B 327 -23.71 -4.78 -19.35
C PHE B 327 -24.08 -5.38 -18.00
N ASP B 328 -24.98 -6.36 -17.98
CA ASP B 328 -25.44 -6.93 -16.72
C ASP B 328 -24.32 -7.61 -15.95
N HIS B 329 -23.31 -8.13 -16.65
CA HIS B 329 -22.16 -8.75 -16.02
C HIS B 329 -21.02 -7.77 -15.79
N ALA B 330 -21.22 -6.49 -16.11
CA ALA B 330 -20.12 -5.54 -16.06
C ALA B 330 -19.49 -5.48 -14.67
N LYS B 331 -20.31 -5.49 -13.62
CA LYS B 331 -19.76 -5.41 -12.26
C LYS B 331 -18.89 -6.61 -11.93
N THR B 332 -19.14 -7.76 -12.56
CA THR B 332 -18.30 -8.92 -12.33
C THR B 332 -16.93 -8.75 -12.98
N LEU B 333 -16.83 -7.89 -13.99
CA LEU B 333 -15.63 -7.78 -14.79
C LEU B 333 -14.69 -6.66 -14.36
N LEU B 334 -15.06 -5.83 -13.38
CA LEU B 334 -14.13 -4.84 -12.87
C LEU B 334 -12.84 -5.45 -12.32
N PRO B 335 -12.87 -6.52 -11.51
CA PRO B 335 -11.60 -7.07 -11.01
C PRO B 335 -10.66 -7.52 -12.11
N THR B 336 -11.18 -8.02 -13.23
CA THR B 336 -10.31 -8.37 -14.35
C THR B 336 -9.93 -7.13 -15.15
N SER B 337 -10.89 -6.24 -15.41
CA SER B 337 -10.63 -5.04 -16.19
C SER B 337 -9.52 -4.20 -15.56
N ALA B 338 -9.50 -4.11 -14.23
CA ALA B 338 -8.39 -3.44 -13.57
C ALA B 338 -7.09 -4.19 -13.80
N LEU B 339 -7.11 -5.51 -13.58
CA LEU B 339 -5.89 -6.31 -13.68
C LEU B 339 -5.25 -6.16 -15.05
N ILE B 340 -6.03 -6.38 -16.11
CA ILE B 340 -5.52 -6.18 -17.46
C ILE B 340 -4.99 -4.76 -17.62
N THR B 341 -5.73 -3.77 -17.13
CA THR B 341 -5.26 -2.39 -17.21
C THR B 341 -3.92 -2.24 -16.51
N GLY B 342 -3.76 -2.88 -15.34
CA GLY B 342 -2.48 -2.83 -14.67
C GLY B 342 -1.36 -3.35 -15.54
N VAL B 343 -1.62 -4.43 -16.27
CA VAL B 343 -0.62 -4.95 -17.21
C VAL B 343 -0.22 -3.86 -18.20
N ALA B 344 -1.21 -3.18 -18.77
CA ALA B 344 -0.91 -2.12 -19.72
C ALA B 344 -0.08 -1.02 -19.08
N ILE B 345 -0.30 -0.74 -17.79
CA ILE B 345 0.50 0.26 -17.12
C ILE B 345 1.93 -0.24 -16.91
N LEU B 346 2.08 -1.53 -16.64
CA LEU B 346 3.38 -2.05 -16.24
C LEU B 346 4.20 -2.55 -17.41
N GLU B 347 3.57 -3.19 -18.39
CA GLU B 347 4.29 -3.80 -19.51
C GLU B 347 4.27 -2.95 -20.77
N SER B 348 3.07 -2.61 -21.27
CA SER B 348 2.98 -1.90 -22.53
C SER B 348 3.63 -0.53 -22.46
N VAL B 349 3.38 0.21 -21.38
CA VAL B 349 3.99 1.52 -21.22
C VAL B 349 5.50 1.39 -21.07
N GLY B 350 5.96 0.35 -20.38
CA GLY B 350 7.39 0.12 -20.28
C GLY B 350 8.04 -0.14 -21.62
N ILE B 351 7.39 -0.94 -22.47
CA ILE B 351 7.90 -1.20 -23.81
C ILE B 351 7.94 0.09 -24.61
N ALA B 352 6.89 0.90 -24.52
CA ALA B 352 6.86 2.16 -25.25
C ALA B 352 7.98 3.09 -24.80
N LYS B 353 8.20 3.20 -23.49
CA LYS B 353 9.25 4.08 -22.97
C LYS B 353 10.63 3.58 -23.38
N ALA B 354 10.87 2.27 -23.30
CA ALA B 354 12.17 1.74 -23.70
C ALA B 354 12.43 1.99 -25.18
N LEU B 355 11.42 1.77 -26.03
CA LEU B 355 11.58 2.01 -27.46
C LEU B 355 11.81 3.49 -27.75
N ALA B 356 11.10 4.36 -27.03
CA ALA B 356 11.28 5.80 -27.24
C ALA B 356 12.68 6.24 -26.84
N ALA B 357 13.19 5.71 -25.73
CA ALA B 357 14.55 6.03 -25.31
C ALA B 357 15.57 5.51 -26.32
N LYS B 358 15.33 4.32 -26.87
CA LYS B 358 16.24 3.77 -27.87
C LYS B 358 16.22 4.59 -29.15
N ASN B 359 15.05 5.05 -29.58
CA ASN B 359 14.88 5.63 -30.90
C ASN B 359 14.86 7.15 -30.90
N ARG B 360 15.24 7.78 -29.79
CA ARG B 360 15.51 9.22 -29.75
C ARG B 360 14.26 10.06 -30.05
N TYR B 361 13.21 9.82 -29.27
CA TYR B 361 12.04 10.69 -29.32
C TYR B 361 11.36 10.68 -27.97
N GLU B 362 10.56 11.71 -27.73
CA GLU B 362 9.91 11.90 -26.43
C GLU B 362 8.66 11.03 -26.33
N LEU B 363 8.37 10.58 -25.11
CA LEU B 363 7.15 9.83 -24.84
C LEU B 363 6.80 9.99 -23.37
N ASP B 364 5.50 10.09 -23.10
CA ASP B 364 4.99 10.21 -21.75
C ASP B 364 4.06 9.05 -21.44
N SER B 365 4.02 8.64 -20.17
CA SER B 365 3.27 7.46 -19.77
C SER B 365 1.78 7.72 -19.67
N ASN B 366 1.32 8.96 -19.78
CA ASN B 366 -0.09 9.26 -19.67
C ASN B 366 -0.78 9.32 -21.03
N SER B 367 -0.17 9.99 -22.01
CA SER B 367 -0.74 10.00 -23.35
C SER B 367 -0.74 8.61 -23.97
N GLU B 368 0.27 7.79 -23.62
CA GLU B 368 0.29 6.42 -24.12
C GLU B 368 -0.88 5.61 -23.56
N LEU B 369 -1.16 5.75 -22.26
CA LEU B 369 -2.32 5.07 -21.68
C LEU B 369 -3.62 5.58 -22.29
N PHE B 370 -3.70 6.89 -22.54
CA PHE B 370 -4.91 7.42 -23.16
C PHE B 370 -5.10 6.83 -24.55
N GLY B 371 -4.01 6.72 -25.32
CA GLY B 371 -4.10 6.12 -26.63
C GLY B 371 -4.50 4.67 -26.60
N LEU B 372 -3.94 3.90 -25.67
CA LEU B 372 -4.35 2.51 -25.49
C LEU B 372 -5.83 2.41 -25.15
N GLY B 373 -6.30 3.28 -24.25
CA GLY B 373 -7.71 3.26 -23.88
C GLY B 373 -8.62 3.58 -25.03
N VAL B 374 -8.26 4.60 -25.83
CA VAL B 374 -9.08 4.94 -26.99
C VAL B 374 -9.11 3.79 -27.99
N ALA B 375 -7.95 3.16 -28.22
CA ALA B 375 -7.90 2.02 -29.13
C ALA B 375 -8.78 0.89 -28.63
N ASN B 376 -8.72 0.60 -27.33
CA ASN B 376 -9.54 -0.47 -26.78
C ASN B 376 -11.02 -0.15 -26.88
N ILE B 377 -11.41 1.11 -26.64
CA ILE B 377 -12.82 1.49 -26.72
C ILE B 377 -13.34 1.31 -28.13
N LEU B 378 -12.58 1.79 -29.12
CA LEU B 378 -13.03 1.64 -30.51
C LEU B 378 -13.03 0.16 -30.94
N GLY B 379 -12.04 -0.62 -30.50
CA GLY B 379 -12.06 -2.03 -30.80
C GLY B 379 -13.28 -2.73 -30.22
N SER B 380 -13.66 -2.37 -29.00
CA SER B 380 -14.88 -2.92 -28.41
C SER B 380 -16.10 -2.53 -29.23
N LEU B 381 -16.15 -1.28 -29.68
CA LEU B 381 -17.22 -0.87 -30.57
C LEU B 381 -17.22 -1.64 -31.89
N PHE B 382 -16.09 -2.22 -32.28
CA PHE B 382 -16.01 -2.99 -33.52
C PHE B 382 -15.65 -4.44 -33.25
N SER B 383 -16.22 -5.01 -32.18
CA SER B 383 -16.13 -6.45 -31.90
C SER B 383 -14.69 -6.93 -31.74
N ALA B 384 -14.00 -6.38 -30.75
CA ALA B 384 -12.64 -6.79 -30.43
C ALA B 384 -12.48 -6.97 -28.93
N TYR B 385 -11.55 -7.84 -28.55
CA TYR B 385 -11.23 -8.10 -27.15
C TYR B 385 -9.89 -7.47 -26.80
N PRO B 386 -9.59 -7.27 -25.51
CA PRO B 386 -8.54 -6.31 -25.13
C PRO B 386 -7.21 -6.57 -25.82
N ALA B 387 -6.57 -5.48 -26.27
CA ALA B 387 -5.32 -5.53 -26.99
C ALA B 387 -4.33 -4.56 -26.36
N THR B 388 -3.12 -5.05 -26.08
CA THR B 388 -2.07 -4.20 -25.53
C THR B 388 -0.79 -4.37 -26.33
N GLY B 389 0.30 -3.75 -25.85
CA GLY B 389 1.57 -3.87 -26.54
C GLY B 389 2.13 -5.28 -26.45
N SER B 390 2.88 -5.66 -27.49
CA SER B 390 3.43 -7.00 -27.62
C SER B 390 4.94 -6.95 -27.46
N PHE B 391 5.47 -7.79 -26.57
N PHE B 391 5.47 -7.80 -26.58
CA PHE B 391 6.91 -7.87 -26.39
CA PHE B 391 6.92 -7.85 -26.40
C PHE B 391 7.60 -8.38 -27.65
C PHE B 391 7.62 -8.41 -27.64
N SER B 392 6.99 -9.35 -28.33
CA SER B 392 7.61 -9.96 -29.50
C SER B 392 7.43 -9.08 -30.74
N ARG B 393 6.19 -8.65 -30.99
CA ARG B 393 5.90 -7.90 -32.21
C ARG B 393 6.54 -6.52 -32.18
N SER B 394 6.56 -5.86 -31.02
CA SER B 394 7.21 -4.56 -30.93
C SER B 394 8.71 -4.68 -31.19
N ALA B 395 9.33 -5.73 -30.65
CA ALA B 395 10.73 -5.97 -30.97
C ALA B 395 10.93 -6.16 -32.47
N VAL B 396 10.18 -7.09 -33.06
CA VAL B 396 10.32 -7.38 -34.49
C VAL B 396 10.14 -6.11 -35.31
N ASN B 397 9.23 -5.24 -34.88
CA ASN B 397 9.11 -3.91 -35.48
C ASN B 397 10.39 -3.11 -35.27
N ASN B 398 11.02 -3.26 -34.09
CA ASN B 398 12.19 -2.45 -33.78
C ASN B 398 13.38 -2.79 -34.67
N GLU B 399 13.73 -4.07 -34.79
CA GLU B 399 14.86 -4.34 -35.68
C GLU B 399 14.46 -4.33 -37.16
N SER B 400 13.18 -4.18 -37.48
CA SER B 400 12.77 -3.95 -38.85
C SER B 400 12.95 -2.49 -39.27
N GLU B 401 13.63 -1.70 -38.45
CA GLU B 401 13.93 -0.30 -38.74
C GLU B 401 12.66 0.52 -38.92
N ALA B 402 11.62 0.20 -38.15
CA ALA B 402 10.39 0.99 -38.18
C ALA B 402 10.66 2.37 -37.58
N LYS B 403 10.23 3.41 -38.28
CA LYS B 403 10.51 4.79 -37.90
C LYS B 403 9.29 5.50 -37.35
N THR B 404 8.15 5.44 -38.02
CA THR B 404 6.95 6.13 -37.60
C THR B 404 5.85 5.12 -37.27
N GLY B 405 4.68 5.64 -36.95
CA GLY B 405 3.52 4.81 -36.69
C GLY B 405 2.85 4.25 -37.92
N LEU B 406 3.29 4.67 -39.11
CA LEU B 406 2.73 4.12 -40.34
C LEU B 406 2.91 2.61 -40.41
N SER B 407 3.99 2.09 -39.83
CA SER B 407 4.20 0.64 -39.77
C SER B 407 3.01 -0.06 -39.12
N GLY B 408 2.36 0.61 -38.15
CA GLY B 408 1.14 0.05 -37.61
C GLY B 408 0.02 0.00 -38.64
N LEU B 409 -0.22 1.12 -39.32
CA LEU B 409 -1.32 1.19 -40.28
C LEU B 409 -1.18 0.10 -41.33
N ILE B 410 0.01 -0.01 -41.93
CA ILE B 410 0.23 -1.04 -42.93
C ILE B 410 -0.09 -2.42 -42.35
N THR B 411 0.38 -2.68 -41.13
CA THR B 411 0.05 -3.93 -40.47
C THR B 411 -1.45 -4.14 -40.42
N GLY B 412 -2.18 -3.12 -39.97
CA GLY B 412 -3.63 -3.22 -39.94
C GLY B 412 -4.21 -3.50 -41.31
N ILE B 413 -3.67 -2.83 -42.34
CA ILE B 413 -4.15 -3.07 -43.69
C ILE B 413 -3.99 -4.53 -44.05
N ILE B 414 -2.85 -5.13 -43.70
CA ILE B 414 -2.65 -6.55 -43.96
C ILE B 414 -3.77 -7.35 -43.31
N ILE B 415 -4.07 -7.05 -42.04
CA ILE B 415 -5.16 -7.74 -41.36
C ILE B 415 -6.44 -7.60 -42.16
N GLY B 416 -6.75 -6.38 -42.59
CA GLY B 416 -7.95 -6.17 -43.37
C GLY B 416 -7.97 -7.04 -44.61
N CYS B 417 -6.83 -7.14 -45.30
CA CYS B 417 -6.76 -7.98 -46.48
C CYS B 417 -7.16 -9.41 -46.14
N SER B 418 -6.61 -9.94 -45.04
CA SER B 418 -7.02 -11.27 -44.60
C SER B 418 -8.52 -11.34 -44.42
N LEU B 419 -9.08 -10.36 -43.68
CA LEU B 419 -10.50 -10.37 -43.39
C LEU B 419 -11.34 -10.26 -44.65
N LEU B 420 -10.73 -9.87 -45.77
CA LEU B 420 -11.43 -9.80 -47.04
C LEU B 420 -11.10 -10.96 -47.97
N PHE B 421 -9.93 -11.58 -47.83
CA PHE B 421 -9.51 -12.50 -48.88
C PHE B 421 -8.97 -13.84 -48.36
N LEU B 422 -8.40 -13.85 -47.16
CA LEU B 422 -7.70 -15.03 -46.67
C LEU B 422 -8.54 -15.89 -45.73
N THR B 423 -9.70 -15.44 -45.33
CA THR B 423 -10.54 -16.25 -44.44
C THR B 423 -10.98 -17.59 -45.05
N PRO B 424 -11.36 -17.68 -46.34
CA PRO B 424 -11.75 -19.01 -46.86
C PRO B 424 -10.63 -20.04 -46.78
N MET B 425 -9.38 -19.63 -46.93
CA MET B 425 -8.26 -20.55 -46.85
C MET B 425 -7.84 -20.86 -45.43
N PHE B 426 -8.39 -20.17 -44.44
CA PHE B 426 -7.98 -20.39 -43.05
C PHE B 426 -8.64 -21.61 -42.43
N LYS B 427 -9.69 -22.15 -43.04
CA LYS B 427 -10.43 -23.27 -42.44
C LYS B 427 -9.67 -24.57 -42.48
N TYR B 428 -8.56 -24.64 -43.22
CA TYR B 428 -7.75 -25.86 -43.29
C TYR B 428 -6.61 -25.86 -42.29
N ILE B 429 -6.50 -24.85 -41.44
CA ILE B 429 -5.42 -24.77 -40.46
C ILE B 429 -5.72 -25.72 -39.31
N PRO B 430 -4.82 -26.66 -39.01
CA PRO B 430 -5.04 -27.54 -37.86
C PRO B 430 -4.96 -26.77 -36.56
N GLN B 431 -5.71 -27.25 -35.56
CA GLN B 431 -5.66 -26.63 -34.24
C GLN B 431 -4.35 -26.90 -33.53
N CYS B 432 -3.73 -28.05 -33.78
CA CYS B 432 -2.45 -28.34 -33.17
C CYS B 432 -1.37 -27.38 -33.65
N ALA B 433 -1.49 -26.87 -34.88
CA ALA B 433 -0.54 -25.85 -35.35
C ALA B 433 -0.66 -24.57 -34.54
N LEU B 434 -1.89 -24.13 -34.27
CA LEU B 434 -2.09 -22.94 -33.45
C LEU B 434 -1.59 -23.17 -32.03
N ALA B 435 -1.82 -24.37 -31.49
CA ALA B 435 -1.31 -24.69 -30.17
C ALA B 435 0.22 -24.64 -30.14
N ALA B 436 0.87 -25.15 -31.19
CA ALA B 436 2.32 -25.09 -31.27
C ALA B 436 2.81 -23.65 -31.36
N ILE B 437 2.08 -22.82 -32.10
CA ILE B 437 2.45 -21.40 -32.19
C ILE B 437 2.36 -20.73 -30.82
N VAL B 438 1.30 -21.01 -30.07
CA VAL B 438 1.18 -20.42 -28.73
C VAL B 438 2.29 -20.91 -27.82
N ILE B 439 2.60 -22.21 -27.88
CA ILE B 439 3.65 -22.77 -27.04
C ILE B 439 5.00 -22.13 -27.38
N SER B 440 5.29 -21.97 -28.67
CA SER B 440 6.53 -21.31 -29.07
C SER B 440 6.57 -19.86 -28.62
N ALA B 441 5.43 -19.16 -28.70
CA ALA B 441 5.38 -17.77 -28.28
C ALA B 441 5.65 -17.63 -26.79
N VAL B 442 5.09 -18.53 -25.98
CA VAL B 442 5.24 -18.42 -24.52
C VAL B 442 6.48 -19.12 -23.99
N SER B 443 7.20 -19.88 -24.82
CA SER B 443 8.45 -20.47 -24.34
C SER B 443 9.48 -19.41 -23.99
N GLY B 444 9.46 -18.28 -24.70
CA GLY B 444 10.36 -17.19 -24.37
C GLY B 444 9.94 -16.35 -23.18
N LEU B 445 8.73 -16.56 -22.66
CA LEU B 445 8.26 -15.83 -21.50
C LEU B 445 8.67 -16.47 -20.18
N VAL B 446 9.16 -17.71 -20.20
CA VAL B 446 9.64 -18.37 -18.98
C VAL B 446 11.03 -17.80 -18.72
N ASP B 447 11.10 -16.77 -17.90
CA ASP B 447 12.29 -15.91 -17.81
C ASP B 447 13.11 -16.30 -16.59
N TYR B 448 13.77 -17.46 -16.69
CA TYR B 448 14.63 -17.96 -15.63
C TYR B 448 15.97 -17.23 -15.57
N ASP B 449 16.35 -16.53 -16.64
CA ASP B 449 17.59 -15.77 -16.60
C ASP B 449 17.54 -14.68 -15.53
N GLU B 450 16.39 -14.02 -15.40
CA GLU B 450 16.24 -13.03 -14.34
C GLU B 450 16.27 -13.70 -12.97
N ALA B 451 15.74 -14.92 -12.87
CA ALA B 451 15.82 -15.63 -11.60
C ALA B 451 17.27 -15.91 -11.21
N ILE B 452 18.08 -16.33 -12.18
CA ILE B 452 19.50 -16.57 -11.90
C ILE B 452 20.19 -15.26 -11.53
N PHE B 453 19.88 -14.18 -12.25
CA PHE B 453 20.48 -12.89 -11.94
C PHE B 453 20.11 -12.43 -10.53
N LEU B 454 18.85 -12.59 -10.15
CA LEU B 454 18.42 -12.20 -8.81
C LEU B 454 19.11 -13.04 -7.76
N TRP B 455 19.24 -14.35 -8.00
CA TRP B 455 19.94 -15.20 -7.05
C TRP B 455 21.39 -14.73 -6.90
N ARG B 456 22.01 -14.30 -7.99
CA ARG B 456 23.39 -13.83 -7.92
C ARG B 456 23.50 -12.51 -7.17
N VAL B 457 22.53 -11.60 -7.36
CA VAL B 457 22.68 -10.24 -6.87
C VAL B 457 21.88 -10.00 -5.60
N ASP B 458 20.55 -10.10 -5.68
CA ASP B 458 19.66 -9.69 -4.60
C ASP B 458 18.76 -10.85 -4.22
N LYS B 459 19.02 -11.46 -3.07
CA LYS B 459 18.26 -12.64 -2.66
C LYS B 459 16.86 -12.30 -2.16
N ARG B 460 16.62 -11.07 -1.71
CA ARG B 460 15.25 -10.67 -1.39
C ARG B 460 14.39 -10.63 -2.64
N ASP B 461 14.92 -10.08 -3.73
CA ASP B 461 14.20 -10.08 -5.00
C ASP B 461 14.03 -11.49 -5.52
N PHE B 462 15.03 -12.35 -5.34
CA PHE B 462 14.88 -13.75 -5.74
C PHE B 462 13.79 -14.43 -4.95
N SER B 463 13.70 -14.15 -3.64
CA SER B 463 12.65 -14.73 -2.83
C SER B 463 11.27 -14.25 -3.29
N LEU B 464 11.15 -12.96 -3.62
CA LEU B 464 9.89 -12.45 -4.15
C LEU B 464 9.53 -13.14 -5.45
N TRP B 465 10.51 -13.29 -6.35
CA TRP B 465 10.27 -13.94 -7.64
C TRP B 465 9.80 -15.37 -7.44
N THR B 466 10.49 -16.12 -6.58
CA THR B 466 10.16 -17.52 -6.36
C THR B 466 8.78 -17.67 -5.72
N ILE B 467 8.48 -16.83 -4.73
CA ILE B 467 7.18 -16.92 -4.06
C ILE B 467 6.06 -16.61 -5.03
N THR B 468 6.20 -15.53 -5.80
CA THR B 468 5.15 -15.17 -6.74
C THR B 468 4.97 -16.25 -7.80
N SER B 469 6.07 -16.77 -8.34
CA SER B 469 5.97 -17.80 -9.38
C SER B 469 5.31 -19.06 -8.83
N THR B 470 5.72 -19.52 -7.65
CA THR B 470 5.17 -20.75 -7.09
C THR B 470 3.68 -20.58 -6.77
N ILE B 471 3.31 -19.46 -6.18
CA ILE B 471 1.91 -19.25 -5.81
C ILE B 471 1.03 -19.12 -7.04
N THR B 472 1.50 -18.40 -8.06
CA THR B 472 0.72 -18.31 -9.29
C THR B 472 0.62 -19.66 -9.99
N LEU B 473 1.67 -20.49 -9.89
CA LEU B 473 1.64 -21.80 -10.52
C LEU B 473 0.65 -22.72 -9.84
N PHE B 474 0.70 -22.80 -8.50
CA PHE B 474 -0.10 -23.78 -7.78
C PHE B 474 -1.49 -23.25 -7.43
N PHE B 475 -1.59 -21.98 -7.10
CA PHE B 475 -2.88 -21.35 -6.83
C PHE B 475 -3.30 -20.56 -8.05
N GLY B 476 -4.38 -19.81 -7.93
CA GLY B 476 -4.93 -19.10 -9.07
C GLY B 476 -4.05 -17.95 -9.52
N ILE B 477 -4.40 -17.41 -10.70
CA ILE B 477 -3.76 -16.20 -11.18
C ILE B 477 -4.08 -15.04 -10.24
N GLU B 478 -5.34 -14.94 -9.81
CA GLU B 478 -5.74 -13.83 -8.95
C GLU B 478 -5.04 -13.89 -7.60
N ILE B 479 -4.90 -15.09 -7.04
CA ILE B 479 -4.19 -15.23 -5.76
C ILE B 479 -2.73 -14.82 -5.92
N GLY B 480 -2.09 -15.24 -7.02
CA GLY B 480 -0.71 -14.85 -7.25
C GLY B 480 -0.55 -13.35 -7.43
N VAL B 481 -1.48 -12.73 -8.14
CA VAL B 481 -1.44 -11.27 -8.31
C VAL B 481 -1.59 -10.58 -6.97
N LEU B 482 -2.54 -11.05 -6.15
CA LEU B 482 -2.74 -10.44 -4.84
C LEU B 482 -1.52 -10.61 -3.96
N VAL B 483 -0.90 -11.79 -3.97
CA VAL B 483 0.30 -12.00 -3.15
C VAL B 483 1.44 -11.11 -3.62
N GLY B 484 1.64 -11.00 -4.94
CA GLY B 484 2.71 -10.15 -5.43
C GLY B 484 2.51 -8.69 -5.09
N VAL B 485 1.29 -8.18 -5.29
CA VAL B 485 1.00 -6.79 -4.96
C VAL B 485 1.13 -6.55 -3.46
N GLY B 486 0.65 -7.50 -2.66
CA GLY B 486 0.75 -7.35 -1.22
C GLY B 486 2.18 -7.35 -0.72
N PHE B 487 3.03 -8.21 -1.27
CA PHE B 487 4.43 -8.23 -0.87
C PHE B 487 5.15 -6.97 -1.31
N SER B 488 4.84 -6.47 -2.52
CA SER B 488 5.43 -5.22 -2.95
C SER B 488 5.02 -4.07 -2.04
N LEU B 489 3.74 -4.02 -1.66
CA LEU B 489 3.27 -2.99 -0.73
C LEU B 489 3.95 -3.14 0.63
N ALA B 490 4.09 -4.38 1.10
CA ALA B 490 4.74 -4.60 2.39
C ALA B 490 6.17 -4.09 2.38
N PHE B 491 6.89 -4.34 1.28
CA PHE B 491 8.28 -3.89 1.22
C PHE B 491 8.38 -2.38 1.05
N VAL B 492 7.44 -1.78 0.31
CA VAL B 492 7.41 -0.33 0.21
C VAL B 492 7.16 0.30 1.57
N ILE B 493 6.21 -0.26 2.32
CA ILE B 493 5.89 0.26 3.65
C ILE B 493 7.06 0.05 4.61
N HIS B 494 7.74 -1.10 4.52
CA HIS B 494 8.90 -1.35 5.36
C HIS B 494 10.02 -0.35 5.06
N GLU B 495 10.24 -0.05 3.78
CA GLU B 495 11.27 0.94 3.44
C GLU B 495 10.88 2.33 3.93
N SER B 496 9.61 2.70 3.77
CA SER B 496 9.18 4.03 4.21
C SER B 496 9.25 4.17 5.72
N ALA B 497 8.96 3.10 6.45
CA ALA B 497 8.83 3.14 7.90
C ALA B 497 10.16 2.96 8.63
N ASN B 498 11.27 2.78 7.91
CA ASN B 498 12.58 2.62 8.53
C ASN B 498 13.59 3.56 7.88
N PRO B 499 13.45 4.86 8.10
CA PRO B 499 14.41 5.81 7.53
C PRO B 499 15.76 5.71 8.21
N HIS B 500 16.79 6.13 7.48
CA HIS B 500 18.14 6.11 8.01
C HIS B 500 18.38 7.35 8.85
N ILE B 501 18.90 7.16 10.06
CA ILE B 501 19.22 8.23 10.98
C ILE B 501 20.68 8.10 11.36
N ALA B 502 21.43 9.20 11.22
CA ALA B 502 22.87 9.18 11.39
C ALA B 502 23.28 9.96 12.62
N VAL B 503 24.16 9.37 13.42
CA VAL B 503 24.75 10.04 14.58
C VAL B 503 26.06 10.65 14.12
N LEU B 504 26.06 11.97 13.98
CA LEU B 504 27.22 12.67 13.42
C LEU B 504 28.31 12.83 14.46
N GLY B 505 29.55 12.87 13.97
CA GLY B 505 30.69 13.06 14.83
C GLY B 505 31.22 14.48 14.75
N ARG B 506 32.33 14.66 14.04
CA ARG B 506 32.88 16.00 13.87
C ARG B 506 31.90 16.86 13.08
N LEU B 507 31.97 18.18 13.33
CA LEU B 507 30.93 19.08 12.84
C LEU B 507 30.76 19.02 11.33
N PRO B 508 31.83 19.17 10.48
CA PRO B 508 31.67 18.92 9.05
C PRO B 508 31.81 17.44 8.70
N GLY B 509 31.14 16.59 9.47
CA GLY B 509 31.25 15.16 9.27
C GLY B 509 29.93 14.50 8.97
N THR B 510 29.90 13.18 9.06
CA THR B 510 28.74 12.39 8.68
C THR B 510 28.71 11.17 9.61
N THR B 511 27.95 10.14 9.21
CA THR B 511 27.72 8.98 10.06
C THR B 511 29.04 8.44 10.60
N VAL B 512 29.07 8.18 11.91
CA VAL B 512 30.26 7.64 12.54
C VAL B 512 30.34 6.11 12.47
N TYR B 513 29.20 5.44 12.25
CA TYR B 513 29.20 3.98 12.30
C TYR B 513 29.97 3.39 11.12
N ARG B 514 29.75 3.92 9.92
CA ARG B 514 30.36 3.33 8.73
C ARG B 514 31.10 4.32 7.87
N ASN B 515 30.64 5.56 7.78
CA ASN B 515 31.18 6.49 6.78
C ASN B 515 32.58 6.96 7.18
N ILE B 516 32.70 7.63 8.32
CA ILE B 516 33.96 8.23 8.74
C ILE B 516 34.31 7.72 10.14
N LYS B 517 35.54 7.24 10.29
CA LYS B 517 36.07 6.84 11.59
C LYS B 517 37.27 7.69 12.01
N GLN B 518 37.57 8.76 11.27
CA GLN B 518 38.75 9.56 11.53
C GLN B 518 38.58 10.37 12.82
N TYR B 519 39.70 10.84 13.34
CA TYR B 519 39.75 11.66 14.56
C TYR B 519 40.62 12.88 14.30
N PRO B 520 40.06 13.94 13.72
CA PRO B 520 40.86 15.17 13.54
C PRO B 520 41.10 15.92 14.83
N GLU B 521 41.64 15.20 15.84
CA GLU B 521 42.00 15.70 17.15
C GLU B 521 40.77 16.01 18.01
N ALA B 522 39.59 15.94 17.40
CA ALA B 522 38.34 16.13 18.13
C ALA B 522 37.22 15.62 17.24
N TYR B 523 36.53 14.56 17.66
CA TYR B 523 35.49 13.96 16.85
C TYR B 523 34.12 14.06 17.50
N THR B 524 33.94 13.55 18.71
CA THR B 524 32.66 13.58 19.40
C THR B 524 32.81 14.30 20.73
N TYR B 525 31.69 14.85 21.21
CA TYR B 525 31.67 15.62 22.44
C TYR B 525 30.83 14.89 23.48
N ASN B 526 31.33 14.88 24.72
CA ASN B 526 30.60 14.26 25.81
C ASN B 526 29.41 15.12 26.19
N GLY B 527 28.23 14.51 26.25
CA GLY B 527 27.01 15.18 26.62
C GLY B 527 26.14 15.63 25.47
N ILE B 528 26.70 15.73 24.26
CA ILE B 528 25.98 16.24 23.10
C ILE B 528 25.84 15.10 22.09
N VAL B 529 24.64 14.94 21.55
CA VAL B 529 24.37 13.99 20.48
C VAL B 529 23.81 14.76 19.29
N ILE B 530 24.43 14.58 18.14
CA ILE B 530 24.01 15.24 16.90
C ILE B 530 23.37 14.19 16.01
N VAL B 531 22.11 14.40 15.65
CA VAL B 531 21.32 13.43 14.92
C VAL B 531 20.85 14.06 13.62
N ARG B 532 21.03 13.35 12.51
CA ARG B 532 20.58 13.78 11.21
C ARG B 532 19.57 12.78 10.66
N ILE B 533 18.41 13.26 10.26
CA ILE B 533 17.38 12.41 9.66
C ILE B 533 17.57 12.47 8.15
N ASP B 534 18.09 11.39 7.58
CA ASP B 534 18.40 11.37 6.15
C ASP B 534 17.16 11.08 5.30
N SER B 535 16.08 11.82 5.51
CA SER B 535 14.84 11.64 4.78
C SER B 535 13.84 12.72 5.14
N PRO B 536 12.88 13.03 4.27
CA PRO B 536 11.77 13.87 4.69
C PRO B 536 10.94 13.19 5.75
N ILE B 537 10.39 13.99 6.67
CA ILE B 537 9.60 13.47 7.79
C ILE B 537 8.13 13.65 7.46
N TYR B 538 7.38 12.55 7.48
CA TYR B 538 5.95 12.60 7.24
C TYR B 538 5.30 11.49 8.06
N PHE B 539 4.00 11.26 7.84
CA PHE B 539 3.24 10.41 8.75
C PHE B 539 3.70 8.96 8.73
N ALA B 540 4.34 8.51 7.64
CA ALA B 540 4.72 7.10 7.57
C ALA B 540 5.91 6.78 8.45
N ASN B 541 6.93 7.64 8.47
CA ASN B 541 8.16 7.35 9.20
C ASN B 541 8.27 8.11 10.51
N ILE B 542 7.19 8.75 10.97
CA ILE B 542 7.28 9.54 12.20
C ILE B 542 7.42 8.65 13.43
N SER B 543 6.81 7.46 13.41
CA SER B 543 6.91 6.58 14.57
C SER B 543 8.34 6.09 14.80
N TYR B 544 9.02 5.69 13.72
CA TYR B 544 10.40 5.24 13.84
C TYR B 544 11.30 6.36 14.34
N ILE B 545 11.10 7.57 13.83
CA ILE B 545 11.90 8.71 14.27
C ILE B 545 11.63 9.01 15.74
N LYS B 546 10.37 8.93 16.15
CA LYS B 546 10.03 9.14 17.56
C LYS B 546 10.73 8.11 18.44
N ASP B 547 10.72 6.84 18.04
CA ASP B 547 11.39 5.81 18.83
C ASP B 547 12.90 6.04 18.89
N ARG B 548 13.51 6.41 17.77
CA ARG B 548 14.94 6.65 17.75
C ARG B 548 15.32 7.83 18.63
N LEU B 549 14.49 8.87 18.65
CA LEU B 549 14.78 10.02 19.49
C LEU B 549 14.48 9.72 20.96
N ARG B 550 13.55 8.81 21.24
CA ARG B 550 13.27 8.41 22.62
C ARG B 550 14.30 7.44 23.18
N GLU B 551 15.10 6.81 22.32
CA GLU B 551 16.18 5.98 22.83
C GLU B 551 17.11 6.76 23.75
N TYR B 552 17.28 8.06 23.48
CA TYR B 552 18.12 8.89 24.34
C TYR B 552 17.46 9.11 25.70
N GLU B 553 16.14 9.28 25.73
CA GLU B 553 15.45 9.34 27.02
C GLU B 553 15.61 8.03 27.78
N VAL B 554 15.51 6.90 27.08
CA VAL B 554 15.69 5.60 27.73
C VAL B 554 17.10 5.48 28.30
N ALA B 555 18.10 5.95 27.55
CA ALA B 555 19.46 5.94 28.06
C ALA B 555 19.61 6.82 29.29
N VAL B 556 18.96 7.99 29.30
CA VAL B 556 19.01 8.87 30.46
C VAL B 556 18.34 8.20 31.66
N ASP B 557 17.21 7.52 31.44
CA ASP B 557 16.54 6.82 32.52
C ASP B 557 17.41 5.71 33.08
N LYS B 558 18.10 4.97 32.20
CA LYS B 558 19.02 3.94 32.66
C LYS B 558 20.17 4.54 33.46
N TYR B 559 20.69 5.68 33.02
CA TYR B 559 21.76 6.36 33.75
C TYR B 559 21.29 6.79 35.14
N THR B 560 20.07 7.34 35.23
CA THR B 560 19.56 7.78 36.52
C THR B 560 19.13 6.63 37.41
N ASN B 561 18.87 5.46 36.83
CA ASN B 561 18.47 4.29 37.61
C ASN B 561 19.66 3.48 38.13
N ARG B 562 20.88 3.86 37.77
CA ARG B 562 22.06 3.16 38.25
C ARG B 562 22.38 3.58 39.69
N GLY B 563 23.38 2.93 40.28
CA GLY B 563 23.79 3.22 41.63
C GLY B 563 24.70 4.42 41.79
N LEU B 564 25.07 5.07 40.69
CA LEU B 564 25.93 6.25 40.73
C LEU B 564 25.34 7.35 39.86
N GLU B 565 25.66 8.59 40.22
CA GLU B 565 25.13 9.75 39.50
C GLU B 565 25.88 9.91 38.17
N VAL B 566 25.14 9.85 37.07
CA VAL B 566 25.72 10.01 35.74
C VAL B 566 24.65 10.54 34.81
N ASP B 567 25.03 11.47 33.93
CA ASP B 567 24.13 12.02 32.93
C ASP B 567 24.98 12.52 31.77
N ARG B 568 24.93 11.80 30.65
CA ARG B 568 25.76 12.12 29.50
C ARG B 568 24.95 12.53 28.28
N ILE B 569 23.69 12.91 28.47
CA ILE B 569 22.84 13.43 27.39
C ILE B 569 22.21 14.71 27.92
N ASN B 570 22.81 15.86 27.59
CA ASN B 570 22.26 17.16 27.98
C ASN B 570 21.66 17.92 26.82
N PHE B 571 22.21 17.78 25.61
CA PHE B 571 21.70 18.46 24.43
C PHE B 571 21.55 17.45 23.30
N VAL B 572 20.48 17.59 22.53
CA VAL B 572 20.25 16.79 21.34
C VAL B 572 20.02 17.75 20.18
N ILE B 573 20.85 17.65 19.14
CA ILE B 573 20.80 18.54 17.99
C ILE B 573 20.33 17.75 16.79
N LEU B 574 19.32 18.27 16.09
CA LEU B 574 18.79 17.64 14.89
C LEU B 574 19.32 18.37 13.67
N GLU B 575 19.98 17.62 12.78
CA GLU B 575 20.38 18.12 11.48
C GLU B 575 19.23 17.88 10.51
N MET B 576 18.55 18.94 10.11
CA MET B 576 17.41 18.81 9.22
C MET B 576 17.73 19.29 7.80
N SER B 577 19.01 19.36 7.46
CA SER B 577 19.39 19.71 6.09
C SER B 577 18.90 18.69 5.06
N PRO B 578 19.02 17.37 5.26
CA PRO B 578 18.46 16.46 4.26
C PRO B 578 16.95 16.30 4.34
N VAL B 579 16.31 16.83 5.38
CA VAL B 579 14.85 16.75 5.53
C VAL B 579 14.25 17.73 4.53
N THR B 580 13.73 17.21 3.42
CA THR B 580 13.21 18.07 2.37
C THR B 580 11.95 18.81 2.84
N HIS B 581 11.05 18.11 3.53
CA HIS B 581 9.80 18.71 3.96
C HIS B 581 9.31 17.97 5.19
N ILE B 582 8.43 18.63 5.95
CA ILE B 582 7.79 18.03 7.12
C ILE B 582 6.31 18.39 7.10
N ASP B 583 5.49 17.46 7.59
CA ASP B 583 4.05 17.64 7.66
C ASP B 583 3.63 17.96 9.10
N SER B 584 2.32 17.96 9.34
CA SER B 584 1.80 18.28 10.66
C SER B 584 2.22 17.24 11.69
N SER B 585 2.22 15.96 11.32
CA SER B 585 2.64 14.92 12.25
C SER B 585 4.08 15.15 12.71
N ALA B 586 4.93 15.64 11.80
CA ALA B 586 6.33 15.88 12.15
C ALA B 586 6.46 16.93 13.24
N VAL B 587 5.76 18.07 13.09
CA VAL B 587 5.89 19.13 14.08
C VAL B 587 5.21 18.73 15.39
N GLU B 588 4.10 17.99 15.32
CA GLU B 588 3.47 17.51 16.54
C GLU B 588 4.42 16.59 17.31
N ALA B 589 5.06 15.65 16.61
CA ALA B 589 6.00 14.76 17.27
C ALA B 589 7.20 15.52 17.79
N LEU B 590 7.67 16.52 17.05
CA LEU B 590 8.80 17.32 17.52
C LEU B 590 8.46 18.06 18.81
N LYS B 591 7.25 18.62 18.89
CA LYS B 591 6.82 19.27 20.12
C LYS B 591 6.72 18.28 21.28
N GLU B 592 6.18 17.08 21.00
CA GLU B 592 6.09 16.07 22.04
C GLU B 592 7.47 15.66 22.56
N LEU B 593 8.42 15.44 21.64
CA LEU B 593 9.77 15.09 22.07
C LEU B 593 10.45 16.22 22.80
N TYR B 594 10.19 17.47 22.40
CA TYR B 594 10.76 18.59 23.16
C TYR B 594 10.22 18.62 24.58
N GLN B 595 8.91 18.40 24.74
CA GLN B 595 8.33 18.36 26.09
C GLN B 595 8.92 17.22 26.91
N GLU B 596 9.05 16.05 26.30
CA GLU B 596 9.64 14.92 27.02
C GLU B 596 11.10 15.17 27.37
N TYR B 597 11.82 15.91 26.52
CA TYR B 597 13.21 16.25 26.83
C TYR B 597 13.29 17.24 27.98
N LYS B 598 12.37 18.22 28.03
CA LYS B 598 12.27 19.08 29.21
C LYS B 598 11.95 18.28 30.47
N THR B 599 11.14 17.23 30.35
CA THR B 599 10.90 16.37 31.50
C THR B 599 12.18 15.67 31.93
N ARG B 600 13.00 15.26 30.97
CA ARG B 600 14.27 14.59 31.25
C ARG B 600 15.44 15.55 31.37
N ASP B 601 15.19 16.86 31.32
CA ASP B 601 16.24 17.88 31.39
C ASP B 601 17.21 17.76 30.22
N ILE B 602 16.67 17.61 29.01
CA ILE B 602 17.45 17.55 27.79
C ILE B 602 17.03 18.71 26.90
N GLN B 603 18.01 19.39 26.30
CA GLN B 603 17.76 20.52 25.42
C GLN B 603 17.64 20.05 23.98
N LEU B 604 16.60 20.53 23.30
CA LEU B 604 16.40 20.22 21.89
C LEU B 604 16.78 21.42 21.04
N ALA B 605 17.55 21.17 19.99
CA ALA B 605 17.99 22.23 19.08
C ALA B 605 17.76 21.78 17.65
N ILE B 606 17.53 22.75 16.77
CA ILE B 606 17.38 22.52 15.34
C ILE B 606 18.52 23.23 14.63
N SER B 607 19.23 22.49 13.77
CA SER B 607 20.50 22.96 13.23
C SER B 607 20.35 23.59 11.85
N ASN B 608 19.86 22.84 10.86
CA ASN B 608 19.80 23.30 9.47
C ASN B 608 18.38 23.17 8.95
N PRO B 609 17.48 24.06 9.35
CA PRO B 609 16.10 23.95 8.86
C PRO B 609 16.02 24.38 7.40
N ASN B 610 15.34 23.58 6.60
CA ASN B 610 15.02 23.96 5.24
C ASN B 610 14.02 25.10 5.25
N LYS B 611 13.98 25.86 4.15
CA LYS B 611 13.09 27.02 4.09
C LYS B 611 11.64 26.61 4.27
N ASP B 612 11.20 25.58 3.55
CA ASP B 612 9.86 25.06 3.75
C ASP B 612 9.71 24.46 5.13
N VAL B 613 10.73 23.74 5.60
CA VAL B 613 10.70 23.16 6.94
C VAL B 613 10.64 24.26 7.98
N HIS B 614 11.44 25.32 7.83
CA HIS B 614 11.40 26.42 8.78
C HIS B 614 10.05 27.10 8.78
N LEU B 615 9.45 27.29 7.60
CA LEU B 615 8.14 27.91 7.52
C LEU B 615 7.09 27.06 8.24
N THR B 616 7.12 25.74 8.02
CA THR B 616 6.16 24.86 8.69
C THR B 616 6.36 24.88 10.21
N ILE B 617 7.63 24.88 10.66
CA ILE B 617 7.91 24.93 12.09
C ILE B 617 7.40 26.22 12.70
N ALA B 618 7.62 27.35 12.02
CA ALA B 618 7.14 28.62 12.52
C ALA B 618 5.62 28.67 12.56
N ARG B 619 4.96 28.10 11.55
CA ARG B 619 3.50 28.09 11.53
C ARG B 619 2.94 27.23 12.65
N SER B 620 3.56 26.09 12.93
CA SER B 620 3.04 25.19 13.97
C SER B 620 3.26 25.74 15.37
N GLY B 621 4.00 26.83 15.53
CA GLY B 621 4.26 27.37 16.85
C GLY B 621 5.40 26.73 17.60
N MET B 622 6.20 25.88 16.94
CA MET B 622 7.31 25.22 17.63
C MET B 622 8.42 26.21 17.99
N VAL B 623 8.62 27.24 17.17
CA VAL B 623 9.68 28.21 17.44
C VAL B 623 9.43 28.92 18.76
N GLU B 624 8.18 29.32 18.99
CA GLU B 624 7.84 29.98 20.26
C GLU B 624 7.92 29.01 21.42
N LEU B 625 7.60 27.74 21.19
CA LEU B 625 7.61 26.76 22.28
C LEU B 625 9.04 26.46 22.74
N VAL B 626 9.94 26.20 21.79
CA VAL B 626 11.30 25.82 22.15
C VAL B 626 12.25 27.00 22.25
N GLY B 627 11.87 28.16 21.73
CA GLY B 627 12.73 29.32 21.80
C GLY B 627 13.47 29.57 20.50
N LYS B 628 13.54 30.84 20.09
CA LYS B 628 14.23 31.17 18.84
C LYS B 628 15.74 31.02 18.97
N GLU B 629 16.27 31.11 20.19
CA GLU B 629 17.71 31.03 20.39
C GLU B 629 18.28 29.65 20.12
N TRP B 630 17.43 28.63 19.98
CA TRP B 630 17.89 27.27 19.71
C TRP B 630 17.79 26.88 18.25
N PHE B 631 17.51 27.84 17.37
CA PHE B 631 17.48 27.60 15.93
C PHE B 631 18.70 28.23 15.29
N PHE B 632 19.42 27.46 14.49
CA PHE B 632 20.65 27.93 13.88
C PHE B 632 20.66 27.70 12.36
N VAL B 633 21.80 27.94 11.73
CA VAL B 633 21.98 27.66 10.31
C VAL B 633 23.09 26.66 10.04
N ARG B 634 23.90 26.32 11.05
CA ARG B 634 25.00 25.38 10.90
C ARG B 634 25.08 24.52 12.16
N VAL B 635 25.84 23.43 12.07
CA VAL B 635 26.06 22.61 13.25
C VAL B 635 27.19 23.18 14.10
N HIS B 636 28.14 23.90 13.48
CA HIS B 636 29.30 24.38 14.21
C HIS B 636 28.89 25.33 15.32
N ASP B 637 28.09 26.35 14.99
CA ASP B 637 27.68 27.32 16.00
C ASP B 637 26.73 26.70 17.02
N ALA B 638 25.89 25.75 16.60
CA ALA B 638 25.00 25.07 17.54
C ALA B 638 25.80 24.33 18.59
N VAL B 639 26.80 23.55 18.18
CA VAL B 639 27.63 22.84 19.13
C VAL B 639 28.46 23.80 19.96
N GLN B 640 28.92 24.89 19.35
CA GLN B 640 29.71 25.88 20.09
C GLN B 640 28.90 26.50 21.21
N VAL B 641 27.64 26.84 20.96
CA VAL B 641 26.82 27.40 22.03
C VAL B 641 26.33 26.34 22.99
N CYS B 642 26.25 25.07 22.56
CA CYS B 642 25.89 24.01 23.50
C CYS B 642 27.01 23.73 24.49
N LEU B 643 28.26 23.78 24.04
CA LEU B 643 29.39 23.61 24.98
C LEU B 643 29.42 24.74 26.00
N GLN B 644 29.18 25.97 25.57
CA GLN B 644 29.21 27.11 26.47
C GLN B 644 27.96 27.16 27.34
C1 S1P C . -16.22 -3.24 2.70
O1 S1P C . -17.64 -3.48 2.75
C2 S1P C . -15.54 -4.42 3.33
N2 S1P C . -16.45 -5.22 4.16
C3 S1P C . -14.26 -4.02 4.09
O3 S1P C . -13.27 -4.92 3.62
C4 S1P C . -14.40 -4.11 5.58
C5 S1P C . -13.46 -3.80 6.46
C6 S1P C . -12.07 -3.28 6.27
C7 S1P C . -11.01 -3.98 7.14
C8 S1P C . -9.69 -3.25 7.17
C9 S1P C . -8.64 -3.83 8.10
C10 S1P C . -7.37 -3.01 8.22
C11 S1P C . -7.19 -2.30 9.54
C12 S1P C . -6.80 -0.86 9.41
C13 S1P C . -7.00 -0.01 10.63
C14 S1P C . -8.13 0.98 10.50
C15 S1P C . -7.81 2.39 10.92
C16 S1P C . -8.94 3.38 10.74
C17 S1P C . -8.70 4.51 9.76
P22 S1P C . -18.51 -2.54 1.84
O23 S1P C . -19.71 -2.07 2.68
O24 S1P C . -17.61 -1.36 1.52
O25 S1P C . -18.90 -3.27 0.62
S SO4 D . -12.78 5.76 25.53
O1 SO4 D . -12.88 7.20 25.78
O2 SO4 D . -11.40 5.42 25.24
O3 SO4 D . -13.61 5.41 24.38
O4 SO4 D . -13.24 5.02 26.70
C1 LBN E . 9.41 -8.68 10.35
P1 LBN E . 10.57 -6.82 11.84
C2 LBN E . 8.97 -10.02 10.89
C3 LBN E . 9.32 -11.16 9.96
C5 LBN E . 5.77 -17.84 15.75
O1 LBN E . 9.29 -7.62 11.34
O2 LBN E . 11.07 -5.91 10.78
O3 LBN E . 11.49 -7.82 12.42
O4 LBN E . 10.12 -5.92 13.07
C25 LBN E . 7.56 -12.63 9.42
O5 LBN E . 8.56 -12.36 10.25
C26 LBN E . 7.46 -14.07 9.08
O6 LBN E . 6.84 -11.79 8.98
C27 LBN E . 6.03 -14.50 8.84
C28 LBN E . 5.47 -14.16 7.47
C29 LBN E . 4.00 -13.81 7.49
C30 LBN E . 3.25 -14.19 6.22
C31 LBN E . 1.91 -13.49 6.08
C34 LBN E . 10.46 -11.10 12.51
O7 LBN E . 9.51 -10.20 12.25
C35 LBN E . 9.91 -12.26 13.28
O8 LBN E . 11.61 -10.96 12.25
C36 LBN E . 10.87 -12.72 14.36
C37 LBN E . 10.32 -13.81 15.22
C38 LBN E . 9.06 -14.38 14.68
C39 LBN E . 8.83 -15.81 15.13
C40 LBN E . 8.78 -15.98 16.62
C41 LBN E . 7.76 -17.03 17.03
C42 LBN E . 7.06 -17.58 15.85
C1 S1P F . -3.63 13.23 -5.88
O1 S1P F . -2.21 13.34 -6.13
C2 S1P F . -3.65 12.29 -4.69
N2 S1P F . -2.34 11.66 -4.57
C3 S1P F . -4.65 11.14 -4.80
O3 S1P F . -3.92 10.00 -4.37
C4 S1P F . -5.16 10.93 -6.18
C5 S1P F . -6.09 10.06 -6.51
C6 S1P F . -6.87 9.10 -5.67
C7 S1P F . -6.17 7.80 -5.38
C8 S1P F . -6.43 7.33 -3.97
C9 S1P F . -6.97 5.93 -3.86
C10 S1P F . -5.89 4.87 -3.92
C11 S1P F . -6.37 3.47 -3.62
C12 S1P F . -5.25 2.48 -3.37
C13 S1P F . -3.88 3.11 -3.33
C14 S1P F . -2.76 2.16 -3.67
C15 S1P F . -3.18 0.72 -3.75
C16 S1P F . -2.68 0.00 -5.00
P22 S1P F . -1.21 14.45 -5.58
O23 S1P F . -2.00 15.71 -5.30
O24 S1P F . -0.69 13.93 -4.28
O25 S1P F . -0.15 14.65 -6.56
C1 S1P G . 9.25 -9.73 6.51
O1 S1P G . 9.92 -8.55 7.00
C2 S1P G . 8.60 -9.21 5.25
N2 S1P G . 8.62 -7.76 5.28
C3 S1P G . 7.13 -9.60 5.08
O3 S1P G . 6.50 -8.40 4.66
C4 S1P G . 6.49 -10.10 6.33
C5 S1P G . 5.27 -10.57 6.42
C6 S1P G . 4.22 -10.74 5.38
C7 S1P G . 3.41 -9.51 5.07
C8 S1P G . 3.11 -9.39 3.59
C9 S1P G . 1.65 -9.23 3.27
C10 S1P G . 1.16 -7.80 3.39
C11 S1P G . -0.23 -7.58 2.88
C12 S1P G . -0.60 -6.11 2.71
C13 S1P G . 0.56 -5.17 2.96
C14 S1P G . 0.14 -3.79 3.37
C15 S1P G . -1.34 -3.53 3.25
C16 S1P G . -1.96 -2.88 4.48
P22 S1P G . 11.42 -8.10 6.73
O23 S1P G . 12.24 -9.34 6.45
O24 S1P G . 11.39 -7.28 5.48
O25 S1P G . 11.90 -7.35 7.88
C1 S1P H . -9.42 -12.70 -5.58
O1 S1P H . -10.23 -13.84 -5.89
C2 S1P H . -10.07 -11.49 -6.21
N2 S1P H . -11.04 -11.86 -7.25
C3 S1P H . -9.05 -10.46 -6.71
O3 S1P H . -9.50 -9.22 -6.17
C4 S1P H . -8.94 -10.39 -8.20
C5 S1P H . -8.12 -9.61 -8.88
C6 S1P H . -7.09 -8.63 -8.43
C7 S1P H . -7.12 -7.29 -9.18
C8 S1P H . -5.89 -6.44 -8.92
C9 S1P H . -5.82 -5.15 -9.73
C10 S1P H . -4.52 -4.38 -9.55
C11 S1P H . -3.60 -4.41 -10.76
C12 S1P H . -2.17 -4.71 -10.42
C13 S1P H . -1.31 -5.15 -11.57
C14 S1P H . -0.94 -6.61 -11.52
C15 S1P H . 0.52 -6.92 -11.74
C16 S1P H . 0.89 -8.39 -11.64
C17 S1P H . 1.84 -8.77 -10.53
P22 S1P H . -9.92 -15.13 -5.04
O23 S1P H . -9.88 -16.32 -6.00
O24 S1P H . -8.53 -14.89 -4.46
O25 S1P H . -10.93 -15.27 -3.97
S SO4 I . 3.73 -11.38 -26.55
O1 SO4 I . 5.00 -12.10 -26.66
O2 SO4 I . 3.97 -10.03 -26.07
O3 SO4 I . 2.87 -12.08 -25.59
O4 SO4 I . 3.05 -11.34 -27.84
C1 LBN J . -2.01 13.28 -9.52
P1 LBN J . 0.38 13.63 -10.61
C2 LBN J . -3.30 13.55 -10.26
C3 LBN J . -4.30 14.27 -9.40
C5 LBN J . -10.84 14.69 -16.32
O1 LBN J . -0.96 12.80 -10.40
O2 LBN J . 1.24 13.56 -9.40
O3 LBN J . -0.02 14.95 -11.13
O4 LBN J . 1.19 12.95 -11.80
C25 LBN J . -6.45 13.32 -9.29
O5 LBN J . -5.66 14.16 -9.92
C26 LBN J . -7.84 13.84 -9.12
O6 LBN J . -6.10 12.25 -8.90
C27 LBN J . -8.88 12.73 -9.16
C28 LBN J . -9.03 11.95 -7.87
C29 LBN J . -9.35 10.49 -8.09
C30 LBN J . -10.21 9.87 -7.00
C31 LBN J . -10.19 8.35 -7.01
C34 LBN J . -3.36 15.51 -11.71
O7 LBN J . -3.00 14.24 -11.51
C35 LBN J . -4.50 15.62 -12.68
O8 LBN J . -2.78 16.45 -11.25
C36 LBN J . -4.32 16.79 -13.63
C37 LBN J . -5.39 16.87 -14.66
C38 LBN J . -6.53 15.96 -14.40
C39 LBN J . -7.82 16.43 -15.01
C40 LBN J . -7.76 16.62 -16.51
C41 LBN J . -9.06 16.23 -17.18
C42 LBN J . -10.04 15.73 -16.18
#